data_4AE3
#
_entry.id   4AE3
#
_cell.length_a   88.050
_cell.length_b   145.520
_cell.length_c   153.830
_cell.angle_alpha   90.00
_cell.angle_beta   90.00
_cell.angle_gamma   90.00
#
_symmetry.space_group_name_H-M   'C 2 2 21'
#
loop_
_entity.id
_entity.type
_entity.pdbx_description
1 polymer 'MYOSIN-2 HEAVY CHAIN'
2 non-polymer 'ADP ORTHOVANADATE'
3 non-polymer 'MAGNESIUM ION'
4 non-polymer 'AMMOSAMIDE 272'
5 non-polymer 1,2-ETHANEDIOL
6 water water
#
_entity_poly.entity_id   1
_entity_poly.type   'polypeptide(L)'
_entity_poly.pdbx_seq_one_letter_code
;NPIHDRTSDYHKYLKVKQGDSDLFKLTVSDKRYIWYNPDPKERDSYECGEIVSETSDSFTFKTVDGQDRQVKKDDANQRN
PIKFDGVEDMSELSYLNEPAVFHNLRVRYNQDLIYTYSGLFLVAVNPFKRIPIYTQEMVDIFKGRRRNEVAPHIFAISDV
AYRSMLDDRQNQSLLITGESGAGKTENTKKVIQYLASVAGRNQANGSGVLEQQILQANPILEAFGNAKTTRNNNSSRFGK
FIEIQFNSAGFISGASIQSYLLEKSRVVFQSETERNYHIFYQLLAGATAEEKKALHLAGPESFNYLNQSGCVDIKGVSDS
EEFKITRQAMDIVGFSQEEQMSIFKIIAGILHLGNIKFEKGAGEGAVLKDKTALNAASTVFGVNPSVLEKALMEPRILAG
RDLVAQHLNVEKSSSSRDALVKALYGRLFLWLVKKINNVLCQERKAYFIGVLDISGFEIFKVNSFEQLCINYTNEKLQQF
FNHHMFKLEQEEYLKEKINWTFIDFGLDSQATIDLIDGRQPPGILALLDEQSVFPNATDNTLITKLHSHFSKKNAKYEEP
RFSKTEFGVTHYAGQVMYEIQDWLEKNKDPLQQDLELCFKDSSDNVVTKLFNDPNIASRAKKGANFITVAAQYKEQLASL
MATLETTNPHFVRCIIPNNKQLPAKLEDKVVLDQLRCNGVLEGIRITRKGFPNRIIYADFVKRYYLLAPNVPRDAEDSQK
ATDAVLKHLNIDPEQYRFGITKIFFRAGQLARIEEAREQRLESNEPPMDFDDDIPF
;
_entity_poly.pdbx_strand_id   A
#
# COMPACT_ATOMS: atom_id res chain seq x y z
N ASN A 1 -20.81 18.82 -24.22
CA ASN A 1 -19.71 18.48 -23.31
C ASN A 1 -20.24 18.34 -21.87
N PRO A 2 -20.32 17.09 -21.38
CA PRO A 2 -20.87 16.80 -20.06
C PRO A 2 -20.23 17.51 -18.88
N ILE A 3 -18.96 17.91 -19.01
CA ILE A 3 -18.31 18.66 -17.92
C ILE A 3 -19.12 19.96 -17.77
N HIS A 4 -19.70 20.46 -18.86
CA HIS A 4 -20.42 21.72 -18.83
C HIS A 4 -21.95 21.52 -18.80
N ASP A 5 -22.40 20.26 -18.77
CA ASP A 5 -23.83 19.98 -18.78
C ASP A 5 -24.15 19.54 -17.36
N ARG A 6 -24.94 20.34 -16.64
CA ARG A 6 -25.11 20.11 -15.20
C ARG A 6 -26.06 18.96 -14.89
N THR A 7 -26.75 18.49 -15.90
CA THR A 7 -27.56 17.28 -15.80
C THR A 7 -26.76 16.00 -16.01
N SER A 8 -25.52 16.13 -16.44
CA SER A 8 -24.73 14.94 -16.79
C SER A 8 -24.36 14.12 -15.56
N ASP A 9 -24.05 12.84 -15.77
CA ASP A 9 -23.54 12.03 -14.67
C ASP A 9 -22.27 12.64 -14.09
N TYR A 10 -21.45 13.24 -14.95
CA TYR A 10 -20.25 13.89 -14.49
C TYR A 10 -20.58 14.94 -13.44
N HIS A 11 -21.51 15.82 -13.79
CA HIS A 11 -21.89 16.84 -12.84
C HIS A 11 -22.56 16.23 -11.60
N LYS A 12 -23.41 15.23 -11.78
CA LYS A 12 -24.13 14.63 -10.65
C LYS A 12 -23.17 13.92 -9.66
N TYR A 13 -22.14 13.23 -10.17
CA TYR A 13 -21.31 12.39 -9.32
C TYR A 13 -19.88 12.85 -9.01
N LEU A 14 -19.39 13.85 -9.73
CA LEU A 14 -18.03 14.37 -9.50
C LEU A 14 -17.95 15.82 -9.09
N LYS A 15 -19.06 16.55 -9.18
CA LYS A 15 -19.04 17.97 -8.91
C LYS A 15 -19.96 18.26 -7.75
N VAL A 16 -19.63 19.34 -7.03
CA VAL A 16 -20.41 19.72 -5.84
C VAL A 16 -21.78 20.26 -6.29
N LYS A 17 -22.85 19.82 -5.63
CA LYS A 17 -24.20 20.27 -5.99
C LYS A 17 -24.39 21.75 -5.77
N GLN A 18 -25.18 22.33 -6.67
CA GLN A 18 -25.55 23.75 -6.62
C GLN A 18 -26.27 24.07 -5.32
N GLY A 19 -25.77 25.07 -4.62
CA GLY A 19 -26.37 25.53 -3.38
C GLY A 19 -27.62 26.34 -3.71
N ASP A 20 -28.50 26.49 -2.73
CA ASP A 20 -29.75 27.21 -3.00
C ASP A 20 -29.64 28.65 -2.47
N SER A 21 -30.73 29.38 -2.66
CA SER A 21 -30.82 30.80 -2.37
C SER A 21 -30.60 31.10 -0.88
N ASP A 22 -31.07 30.20 -0.02
CA ASP A 22 -30.81 30.32 1.41
C ASP A 22 -29.33 30.19 1.70
N LEU A 23 -28.72 29.22 1.00
CA LEU A 23 -27.29 29.05 1.05
C LEU A 23 -26.57 30.28 0.54
N PHE A 24 -27.10 30.89 -0.52
CA PHE A 24 -26.49 32.11 -1.04
C PHE A 24 -26.50 33.23 0.01
N LYS A 25 -27.62 33.33 0.73
CA LYS A 25 -27.74 34.32 1.79
C LYS A 25 -26.68 34.10 2.80
N LEU A 26 -26.50 32.83 3.19
CA LEU A 26 -25.46 32.52 4.18
C LEU A 26 -24.06 32.85 3.66
N THR A 27 -23.88 32.63 2.35
CA THR A 27 -22.59 32.77 1.72
C THR A 27 -22.13 34.21 1.61
N VAL A 28 -23.06 35.15 1.54
CA VAL A 28 -22.64 36.55 1.42
C VAL A 28 -22.70 37.27 2.78
N SER A 29 -23.17 36.56 3.79
CA SER A 29 -23.04 36.99 5.17
C SER A 29 -21.66 37.57 5.53
N ASP A 30 -21.69 38.61 6.34
CA ASP A 30 -20.52 39.16 7.02
C ASP A 30 -20.09 38.40 8.27
N LYS A 31 -20.91 37.46 8.75
CA LYS A 31 -20.52 36.75 9.97
C LYS A 31 -19.23 35.94 9.85
N ARG A 32 -18.59 35.77 10.99
CA ARG A 32 -17.35 35.01 11.07
C ARG A 32 -17.43 33.91 12.10
N TYR A 33 -16.73 32.82 11.82
CA TYR A 33 -16.82 31.60 12.61
C TYR A 33 -15.45 31.01 12.94
N ILE A 34 -15.43 30.21 14.00
CA ILE A 34 -14.21 29.55 14.45
C ILE A 34 -14.54 28.07 14.70
N TRP A 35 -13.56 27.19 14.46
CA TRP A 35 -13.72 25.80 14.83
C TRP A 35 -13.10 25.67 16.20
N TYR A 36 -13.89 25.15 17.13
CA TYR A 36 -13.43 24.98 18.50
C TYR A 36 -13.79 23.60 19.07
N ASN A 37 -13.09 23.17 20.11
CA ASN A 37 -13.40 21.92 20.82
C ASN A 37 -14.32 22.16 22.02
N PRO A 38 -15.56 21.68 21.93
CA PRO A 38 -16.47 21.71 23.09
C PRO A 38 -15.84 21.10 24.32
N ASP A 39 -15.12 20.00 24.13
CA ASP A 39 -14.37 19.38 25.21
C ASP A 39 -12.90 19.46 24.83
N PRO A 40 -12.12 20.26 25.57
CA PRO A 40 -10.68 20.45 25.33
C PRO A 40 -9.82 19.21 25.50
N LYS A 41 -10.39 18.14 26.06
CA LYS A 41 -9.69 16.86 26.16
C LYS A 41 -9.88 16.02 24.89
N GLU A 42 -10.81 16.45 24.04
CA GLU A 42 -11.08 15.78 22.76
C GLU A 42 -10.69 16.76 21.66
N ARG A 43 -9.40 16.83 21.33
CA ARG A 43 -8.93 17.88 20.46
C ARG A 43 -9.38 17.68 18.99
N ASP A 44 -9.87 16.49 18.67
CA ASP A 44 -10.35 16.20 17.30
C ASP A 44 -11.88 16.29 17.12
N SER A 45 -12.61 16.69 18.16
CA SER A 45 -14.05 16.83 18.02
C SER A 45 -14.36 18.33 18.06
N TYR A 46 -14.79 18.87 16.92
CA TYR A 46 -14.95 20.31 16.78
C TYR A 46 -16.40 20.67 16.54
N GLU A 47 -16.75 21.87 17.00
CA GLU A 47 -17.97 22.49 16.56
C GLU A 47 -17.64 23.87 16.04
N CYS A 48 -18.63 24.48 15.40
CA CYS A 48 -18.50 25.82 14.83
C CYS A 48 -19.09 26.78 15.83
N GLY A 49 -18.32 27.81 16.18
CA GLY A 49 -18.84 28.83 17.07
C GLY A 49 -18.75 30.16 16.35
N GLU A 50 -19.76 31.01 16.53
CA GLU A 50 -19.66 32.34 15.91
C GLU A 50 -18.73 33.31 16.64
N ILE A 51 -17.78 33.92 15.93
CA ILE A 51 -17.00 35.00 16.53
C ILE A 51 -17.85 36.26 16.76
N VAL A 52 -17.96 36.67 18.02
CA VAL A 52 -18.76 37.83 18.39
C VAL A 52 -18.00 39.09 18.80
N SER A 53 -16.75 38.96 19.19
CA SER A 53 -15.93 40.12 19.43
C SER A 53 -14.46 39.74 19.33
N GLU A 54 -13.59 40.72 19.26
CA GLU A 54 -12.17 40.45 19.29
C GLU A 54 -11.41 41.56 20.04
N THR A 55 -10.27 41.20 20.62
CA THR A 55 -9.28 42.18 21.06
C THR A 55 -8.12 42.12 20.09
N SER A 56 -7.07 42.86 20.39
CA SER A 56 -5.87 42.75 19.56
C SER A 56 -5.23 41.36 19.54
N ASP A 57 -5.48 40.56 20.58
CA ASP A 57 -4.83 39.25 20.61
C ASP A 57 -5.77 38.05 20.82
N SER A 58 -7.06 38.29 20.86
CA SER A 58 -7.99 37.21 21.17
C SER A 58 -9.30 37.36 20.37
N PHE A 59 -10.03 36.26 20.31
CA PHE A 59 -11.37 36.25 19.79
C PHE A 59 -12.24 35.79 20.90
N THR A 60 -13.45 36.33 20.96
CA THR A 60 -14.48 35.79 21.81
C THR A 60 -15.57 35.27 20.90
N PHE A 61 -16.03 34.05 21.18
CA PHE A 61 -17.06 33.42 20.36
C PHE A 61 -18.16 32.70 21.16
N LYS A 62 -19.32 32.58 20.53
CA LYS A 62 -20.45 31.86 21.11
C LYS A 62 -20.23 30.43 20.72
N THR A 63 -20.48 29.55 21.67
CA THR A 63 -20.52 28.12 21.43
C THR A 63 -21.93 27.82 20.95
N VAL A 64 -22.14 26.61 20.46
CA VAL A 64 -23.46 26.23 19.98
C VAL A 64 -24.49 26.33 21.09
N ASP A 65 -24.08 25.95 22.30
CA ASP A 65 -24.90 26.16 23.48
C ASP A 65 -24.80 27.57 24.07
N GLY A 66 -24.73 28.58 23.20
CA GLY A 66 -24.78 29.98 23.60
C GLY A 66 -23.79 30.58 24.61
N GLN A 67 -22.93 29.75 25.20
CA GLN A 67 -21.95 30.22 26.18
C GLN A 67 -20.78 30.92 25.49
N ASP A 68 -20.23 31.97 26.10
CA ASP A 68 -19.14 32.65 25.42
C ASP A 68 -17.82 32.04 25.86
N ARG A 69 -16.83 32.05 24.98
CA ARG A 69 -15.50 31.56 25.30
C ARG A 69 -14.52 32.47 24.63
N GLN A 70 -13.27 32.41 25.05
CA GLN A 70 -12.27 33.31 24.53
C GLN A 70 -11.04 32.48 24.19
N VAL A 71 -10.38 32.86 23.10
CA VAL A 71 -9.19 32.15 22.66
C VAL A 71 -8.17 33.13 22.10
N LYS A 72 -6.89 32.85 22.27
CA LYS A 72 -5.85 33.69 21.71
C LYS A 72 -5.96 33.56 20.19
N LYS A 73 -5.72 34.65 19.47
CA LYS A 73 -5.83 34.57 18.03
C LYS A 73 -4.81 33.57 17.47
N ASP A 74 -3.66 33.46 18.14
CA ASP A 74 -2.61 32.53 17.70
C ASP A 74 -3.03 31.09 17.89
N ASP A 75 -3.99 30.84 18.78
CA ASP A 75 -4.47 29.47 18.97
C ASP A 75 -5.77 29.22 18.21
N ALA A 76 -6.26 30.21 17.47
CA ALA A 76 -7.60 30.10 16.88
C ALA A 76 -7.53 29.32 15.57
N ASN A 77 -8.46 28.37 15.39
CA ASN A 77 -8.70 27.75 14.08
C ASN A 77 -9.92 28.37 13.41
N GLN A 78 -9.68 29.43 12.63
CA GLN A 78 -10.80 30.08 12.00
C GLN A 78 -11.41 29.19 10.94
N ARG A 79 -12.71 29.35 10.78
CA ARG A 79 -13.43 28.64 9.75
C ARG A 79 -13.30 29.41 8.47
N ASN A 80 -13.05 28.73 7.37
CA ASN A 80 -13.00 29.39 6.08
C ASN A 80 -14.37 29.91 5.71
N PRO A 81 -14.41 31.01 4.94
CA PRO A 81 -15.67 31.46 4.34
C PRO A 81 -16.34 30.27 3.67
N ILE A 82 -17.65 30.18 3.78
CA ILE A 82 -18.31 28.98 3.35
C ILE A 82 -18.34 28.76 1.84
N LYS A 83 -17.97 29.79 1.06
CA LYS A 83 -17.80 29.63 -0.39
C LYS A 83 -16.70 28.58 -0.69
N PHE A 84 -15.81 28.34 0.27
CA PHE A 84 -14.77 27.34 0.09
C PHE A 84 -15.20 25.93 0.39
N ASP A 85 -16.37 25.77 0.98
CA ASP A 85 -16.78 24.45 1.39
C ASP A 85 -17.02 23.52 0.20
N GLY A 86 -16.20 22.48 0.09
CA GLY A 86 -16.28 21.56 -1.03
C GLY A 86 -15.25 21.88 -2.09
N VAL A 87 -14.39 22.86 -1.86
CA VAL A 87 -13.40 23.23 -2.87
C VAL A 87 -12.57 21.99 -3.34
N GLU A 88 -12.29 21.91 -4.63
CA GLU A 88 -11.59 20.77 -5.22
C GLU A 88 -10.09 20.70 -4.91
N ASP A 89 -9.47 21.84 -4.63
CA ASP A 89 -8.04 21.90 -4.34
C ASP A 89 -7.91 22.72 -3.07
N MET A 90 -7.51 22.02 -2.03
CA MET A 90 -7.43 22.60 -0.71
C MET A 90 -6.27 23.57 -0.55
N SER A 91 -5.36 23.64 -1.52
CA SER A 91 -4.35 24.68 -1.43
C SER A 91 -4.97 26.07 -1.59
N GLU A 92 -6.22 26.11 -2.03
CA GLU A 92 -6.95 27.34 -2.16
C GLU A 92 -7.59 27.87 -0.86
N LEU A 93 -7.65 27.07 0.20
CA LEU A 93 -8.30 27.50 1.44
C LEU A 93 -7.60 28.76 1.94
N SER A 94 -8.35 29.73 2.47
CA SER A 94 -7.72 30.87 3.15
C SER A 94 -7.01 30.48 4.42
N TYR A 95 -7.69 29.63 5.19
CA TYR A 95 -7.20 29.21 6.47
C TYR A 95 -6.84 27.74 6.31
N LEU A 96 -5.58 27.43 6.51
CA LEU A 96 -5.11 26.06 6.37
C LEU A 96 -4.89 25.57 7.80
N ASN A 97 -5.86 24.87 8.37
CA ASN A 97 -5.71 24.25 9.70
C ASN A 97 -6.48 22.95 9.71
N GLU A 98 -6.31 22.17 10.78
CA GLU A 98 -6.86 20.82 10.83
C GLU A 98 -8.38 20.71 10.70
N PRO A 99 -9.13 21.39 11.57
CA PRO A 99 -10.59 21.30 11.40
C PRO A 99 -11.01 21.86 10.04
N ALA A 100 -10.33 22.86 9.50
CA ALA A 100 -10.78 23.39 8.22
C ALA A 100 -10.56 22.35 7.12
N VAL A 101 -9.42 21.66 7.16
CA VAL A 101 -9.15 20.65 6.14
C VAL A 101 -10.13 19.49 6.28
N PHE A 102 -10.34 19.06 7.52
CA PHE A 102 -11.24 17.95 7.71
C PHE A 102 -12.62 18.36 7.23
N HIS A 103 -13.02 19.60 7.54
CA HIS A 103 -14.38 20.01 7.18
C HIS A 103 -14.55 19.99 5.69
N ASN A 104 -13.54 20.42 4.94
CA ASN A 104 -13.68 20.42 3.49
C ASN A 104 -13.84 19.01 2.98
N LEU A 105 -13.06 18.10 3.55
CA LEU A 105 -13.21 16.70 3.15
C LEU A 105 -14.59 16.18 3.52
N ARG A 106 -15.12 16.62 4.65
CA ARG A 106 -16.41 16.13 5.13
C ARG A 106 -17.53 16.59 4.21
N VAL A 107 -17.45 17.85 3.79
CA VAL A 107 -18.48 18.40 2.91
C VAL A 107 -18.46 17.62 1.61
N ARG A 108 -17.27 17.35 1.11
CA ARG A 108 -17.22 16.59 -0.13
C ARG A 108 -17.75 15.15 0.08
N TYR A 109 -17.32 14.51 1.16
CA TYR A 109 -17.67 13.12 1.38
C TYR A 109 -19.18 12.89 1.59
N ASN A 110 -19.82 13.81 2.31
CA ASN A 110 -21.27 13.76 2.46
C ASN A 110 -22.09 13.83 1.17
N GLN A 111 -21.47 14.33 0.11
CA GLN A 111 -22.05 14.36 -1.21
C GLN A 111 -21.40 13.30 -2.10
N ASP A 112 -20.75 12.33 -1.48
CA ASP A 112 -20.07 11.27 -2.22
C ASP A 112 -18.91 11.69 -3.14
N LEU A 113 -18.24 12.79 -2.80
CA LEU A 113 -17.04 13.20 -3.52
C LEU A 113 -15.82 12.74 -2.68
N ILE A 114 -15.26 11.60 -3.10
CA ILE A 114 -14.24 10.96 -2.30
C ILE A 114 -12.87 11.47 -2.68
N TYR A 115 -12.78 12.16 -3.80
CA TYR A 115 -11.47 12.62 -4.23
C TYR A 115 -11.29 14.12 -4.04
N THR A 116 -10.18 14.51 -3.45
CA THR A 116 -9.93 15.93 -3.26
C THR A 116 -8.44 16.14 -3.46
N TYR A 117 -8.09 17.18 -4.20
CA TYR A 117 -6.71 17.59 -4.28
C TYR A 117 -6.24 18.39 -3.09
N SER A 118 -4.97 18.23 -2.76
CA SER A 118 -4.34 19.00 -1.70
C SER A 118 -3.01 19.45 -2.28
N GLY A 119 -3.10 20.41 -3.20
CA GLY A 119 -2.04 20.82 -4.06
C GLY A 119 -1.77 19.80 -5.14
N LEU A 120 -0.54 19.34 -5.15
CA LEU A 120 0.01 18.48 -6.20
C LEU A 120 -0.34 16.99 -6.04
N PHE A 121 -0.91 16.58 -4.91
CA PHE A 121 -1.18 15.16 -4.72
C PHE A 121 -2.65 15.01 -4.45
N LEU A 122 -3.15 13.78 -4.61
CA LEU A 122 -4.56 13.45 -4.44
C LEU A 122 -4.88 12.80 -3.06
N VAL A 123 -5.96 13.23 -2.42
CA VAL A 123 -6.50 12.57 -1.23
C VAL A 123 -7.75 11.81 -1.66
N ALA A 124 -7.87 10.60 -1.15
CA ALA A 124 -8.95 9.68 -1.46
C ALA A 124 -9.59 9.10 -0.20
N VAL A 125 -10.84 9.41 0.07
CA VAL A 125 -11.45 8.86 1.28
C VAL A 125 -12.36 7.70 0.95
N ASN A 126 -12.09 6.54 1.52
CA ASN A 126 -12.83 5.33 1.17
C ASN A 126 -14.31 5.54 1.47
N PRO A 127 -15.19 5.36 0.46
CA PRO A 127 -16.64 5.50 0.62
C PRO A 127 -17.30 4.29 1.28
N PHE A 128 -16.62 3.14 1.24
CA PHE A 128 -17.20 1.85 1.63
C PHE A 128 -18.59 1.61 1.03
N LYS A 129 -18.74 2.04 -0.23
CA LYS A 129 -19.88 1.69 -1.03
C LYS A 129 -19.57 2.04 -2.46
N ARG A 130 -20.32 1.47 -3.39
CA ARG A 130 -20.08 1.70 -4.80
C ARG A 130 -20.60 3.06 -5.20
N ILE A 131 -19.80 3.79 -5.95
CA ILE A 131 -20.19 5.05 -6.53
C ILE A 131 -19.86 4.96 -8.01
N PRO A 132 -20.80 5.37 -8.88
CA PRO A 132 -20.70 5.06 -10.31
C PRO A 132 -19.81 6.07 -11.05
N ILE A 133 -18.54 6.13 -10.66
CA ILE A 133 -17.64 7.10 -11.25
C ILE A 133 -16.48 6.46 -11.99
N TYR A 134 -16.60 5.16 -12.27
CA TYR A 134 -15.54 4.43 -12.93
C TYR A 134 -15.96 3.77 -14.23
N THR A 135 -17.00 4.26 -14.86
CA THR A 135 -17.47 3.66 -16.11
C THR A 135 -16.54 4.11 -17.23
N GLN A 136 -16.72 3.55 -18.43
CA GLN A 136 -15.94 3.97 -19.60
C GLN A 136 -16.22 5.43 -20.00
N GLU A 137 -17.44 5.88 -19.77
CA GLU A 137 -17.79 7.24 -20.08
C GLU A 137 -17.01 8.19 -19.17
N MET A 138 -16.80 7.78 -17.91
CA MET A 138 -16.05 8.62 -16.96
C MET A 138 -14.58 8.65 -17.39
N VAL A 139 -14.07 7.47 -17.74
CA VAL A 139 -12.74 7.36 -18.30
C VAL A 139 -12.49 8.33 -19.45
N ASP A 140 -13.46 8.35 -20.36
CA ASP A 140 -13.36 9.09 -21.59
C ASP A 140 -13.42 10.56 -21.31
N ILE A 141 -14.12 10.89 -20.23
CA ILE A 141 -14.20 12.28 -19.83
C ILE A 141 -12.85 12.77 -19.40
N PHE A 142 -12.08 11.91 -18.76
CA PHE A 142 -10.80 12.44 -18.28
C PHE A 142 -9.71 12.56 -19.36
N LYS A 143 -9.85 11.79 -20.44
CA LYS A 143 -8.84 11.70 -21.50
C LYS A 143 -8.57 13.07 -22.12
N GLY A 144 -7.32 13.52 -22.11
CA GLY A 144 -6.99 14.80 -22.72
C GLY A 144 -7.25 16.09 -21.95
N ARG A 145 -7.80 16.00 -20.75
CA ARG A 145 -8.16 17.18 -19.97
C ARG A 145 -6.98 17.70 -19.13
N ARG A 146 -6.73 19.00 -19.10
CA ARG A 146 -5.76 19.51 -18.13
C ARG A 146 -6.37 19.26 -16.74
N ARG A 147 -5.51 19.14 -15.73
CA ARG A 147 -5.95 18.82 -14.36
C ARG A 147 -7.05 19.74 -13.83
N ASN A 148 -6.87 21.03 -14.09
CA ASN A 148 -7.78 22.09 -13.65
C ASN A 148 -9.08 22.21 -14.44
N GLU A 149 -9.19 21.44 -15.51
CA GLU A 149 -10.41 21.40 -16.30
C GLU A 149 -11.47 20.46 -15.75
N VAL A 150 -11.06 19.54 -14.88
CA VAL A 150 -11.98 18.52 -14.47
C VAL A 150 -11.83 18.26 -13.00
N ALA A 151 -12.82 17.59 -12.44
CA ALA A 151 -12.87 17.36 -11.01
C ALA A 151 -11.78 16.41 -10.57
N PRO A 152 -11.46 16.44 -9.27
CA PRO A 152 -10.46 15.50 -8.74
C PRO A 152 -10.93 14.07 -8.97
N HIS A 153 -10.00 13.22 -9.38
CA HIS A 153 -10.32 11.83 -9.64
C HIS A 153 -9.00 11.08 -9.78
N ILE A 154 -9.02 9.81 -9.38
CA ILE A 154 -7.90 8.91 -9.63
C ILE A 154 -7.52 8.84 -11.12
N PHE A 155 -8.53 8.95 -12.00
CA PHE A 155 -8.30 8.98 -13.46
C PHE A 155 -7.48 10.19 -13.87
N ALA A 156 -7.70 11.30 -13.19
CA ALA A 156 -7.02 12.54 -13.53
C ALA A 156 -5.53 12.52 -13.18
N ILE A 157 -5.19 11.97 -12.01
CA ILE A 157 -3.81 11.90 -11.60
C ILE A 157 -3.16 10.87 -12.52
N SER A 158 -3.92 9.84 -12.86
CA SER A 158 -3.44 8.84 -13.80
C SER A 158 -3.06 9.46 -15.16
N ASP A 159 -3.93 10.34 -15.65
CA ASP A 159 -3.73 11.01 -16.92
C ASP A 159 -2.53 11.96 -16.87
N VAL A 160 -2.40 12.62 -15.73
CA VAL A 160 -1.29 13.53 -15.48
C VAL A 160 0.03 12.76 -15.57
N ALA A 161 0.05 11.58 -14.95
CA ALA A 161 1.26 10.74 -14.98
C ALA A 161 1.56 10.35 -16.43
N TYR A 162 0.50 10.03 -17.16
CA TYR A 162 0.67 9.56 -18.53
C TYR A 162 1.25 10.68 -19.43
N ARG A 163 0.73 11.88 -19.23
CA ARG A 163 1.14 12.97 -20.08
C ARG A 163 2.53 13.41 -19.66
N SER A 164 2.83 13.28 -18.38
CA SER A 164 4.16 13.62 -17.91
C SER A 164 5.17 12.66 -18.52
N MET A 165 4.78 11.39 -18.61
CA MET A 165 5.62 10.39 -19.24
C MET A 165 5.90 10.78 -20.69
N LEU A 166 4.85 11.16 -21.43
CA LEU A 166 5.02 11.58 -22.82
C LEU A 166 5.82 12.89 -22.99
N ASP A 167 5.44 13.93 -22.27
CA ASP A 167 6.03 15.25 -22.45
C ASP A 167 7.47 15.32 -21.96
N ASP A 168 7.82 14.58 -20.91
CA ASP A 168 9.17 14.70 -20.39
C ASP A 168 10.03 13.50 -20.77
N ARG A 169 9.41 12.52 -21.43
CA ARG A 169 10.07 11.26 -21.80
C ARG A 169 10.81 10.69 -20.59
N GLN A 170 10.09 10.62 -19.47
CA GLN A 170 10.64 10.26 -18.19
C GLN A 170 9.70 9.25 -17.49
N ASN A 171 10.24 8.22 -16.86
CA ASN A 171 9.37 7.24 -16.18
C ASN A 171 8.66 7.86 -15.00
N GLN A 172 7.43 7.38 -14.80
CA GLN A 172 6.60 7.86 -13.73
C GLN A 172 6.25 6.78 -12.72
N SER A 173 5.91 7.22 -11.53
CA SER A 173 5.31 6.34 -10.57
C SER A 173 4.05 6.86 -9.87
N LEU A 174 3.14 5.94 -9.51
CA LEU A 174 1.95 6.29 -8.76
C LEU A 174 2.01 5.56 -7.44
N LEU A 175 2.19 6.37 -6.42
CA LEU A 175 2.44 5.90 -5.08
C LEU A 175 1.21 6.15 -4.26
N ILE A 176 0.54 5.06 -3.88
CA ILE A 176 -0.72 5.14 -3.20
C ILE A 176 -0.51 4.75 -1.76
N THR A 177 -0.56 5.72 -0.86
CA THR A 177 -0.38 5.40 0.55
C THR A 177 -1.72 5.15 1.26
N GLY A 178 -1.61 4.53 2.44
CA GLY A 178 -2.74 4.33 3.32
C GLY A 178 -2.59 3.19 4.30
N GLU A 179 -3.27 3.31 5.44
CA GLU A 179 -3.32 2.20 6.35
C GLU A 179 -4.16 1.10 5.75
N SER A 180 -4.10 -0.06 6.39
CA SER A 180 -4.94 -1.19 5.97
C SER A 180 -6.40 -0.78 5.84
N GLY A 181 -7.00 -1.10 4.69
CA GLY A 181 -8.40 -0.78 4.45
C GLY A 181 -8.66 0.60 3.86
N ALA A 182 -7.60 1.37 3.64
CA ALA A 182 -7.79 2.75 3.22
C ALA A 182 -8.30 2.92 1.78
N GLY A 183 -8.04 1.95 0.90
CA GLY A 183 -8.52 2.02 -0.46
C GLY A 183 -7.39 1.93 -1.48
N LYS A 184 -6.20 1.48 -1.04
CA LYS A 184 -5.06 1.38 -1.95
C LYS A 184 -5.23 0.48 -3.16
N THR A 185 -5.74 -0.72 -2.93
CA THR A 185 -5.87 -1.69 -4.00
C THR A 185 -6.97 -1.27 -4.99
N GLU A 186 -8.09 -0.74 -4.49
CA GLU A 186 -9.15 -0.32 -5.38
C GLU A 186 -8.65 0.81 -6.25
N ASN A 187 -7.95 1.73 -5.66
CA ASN A 187 -7.42 2.79 -6.48
C ASN A 187 -6.36 2.35 -7.49
N THR A 188 -5.51 1.40 -7.08
CA THR A 188 -4.49 0.80 -7.96
C THR A 188 -5.15 0.24 -9.19
N LYS A 189 -6.22 -0.50 -8.95
CA LYS A 189 -6.95 -1.12 -10.05
C LYS A 189 -7.58 -0.05 -10.97
N LYS A 190 -7.99 1.09 -10.40
CA LYS A 190 -8.56 2.17 -11.23
C LYS A 190 -7.49 2.80 -12.11
N VAL A 191 -6.29 2.89 -11.54
CA VAL A 191 -5.17 3.40 -12.31
C VAL A 191 -4.90 2.49 -13.50
N ILE A 192 -4.88 1.18 -13.25
CA ILE A 192 -4.56 0.27 -14.34
C ILE A 192 -5.65 0.30 -15.42
N GLN A 193 -6.91 0.36 -14.97
CA GLN A 193 -8.02 0.51 -15.89
C GLN A 193 -7.87 1.74 -16.77
N TYR A 194 -7.53 2.87 -16.15
CA TYR A 194 -7.43 4.11 -16.90
C TYR A 194 -6.32 3.98 -17.95
N LEU A 195 -5.14 3.51 -17.52
CA LEU A 195 -3.97 3.45 -18.42
C LEU A 195 -4.25 2.47 -19.56
N ALA A 196 -4.86 1.33 -19.24
CA ALA A 196 -5.18 0.30 -20.22
C ALA A 196 -6.16 0.85 -21.23
N SER A 197 -7.02 1.77 -20.78
CA SER A 197 -7.95 2.38 -21.69
C SER A 197 -7.30 3.44 -22.58
N VAL A 198 -6.64 4.41 -21.97
CA VAL A 198 -6.17 5.54 -22.75
C VAL A 198 -4.95 5.25 -23.62
N ALA A 199 -4.15 4.25 -23.24
CA ALA A 199 -2.92 3.92 -23.97
C ALA A 199 -3.06 2.59 -24.70
N GLY A 200 -4.29 2.09 -24.79
CA GLY A 200 -4.54 0.73 -25.22
C GLY A 200 -4.56 0.63 -26.73
N ARG A 201 -4.43 -0.58 -27.24
CA ARG A 201 -4.42 -0.81 -28.68
C ARG A 201 -5.52 -1.77 -29.11
N SER A 207 -3.52 -8.97 -30.08
CA SER A 207 -3.52 -7.51 -30.25
C SER A 207 -4.14 -6.78 -29.05
N GLY A 208 -5.47 -6.67 -29.03
CA GLY A 208 -6.16 -6.01 -27.94
C GLY A 208 -6.34 -6.85 -26.67
N VAL A 209 -5.73 -8.03 -26.63
CA VAL A 209 -5.96 -8.93 -25.50
C VAL A 209 -4.98 -8.67 -24.35
N LEU A 210 -3.83 -8.08 -24.65
CA LEU A 210 -2.87 -7.73 -23.60
C LEU A 210 -3.51 -6.92 -22.48
N GLU A 211 -4.28 -5.90 -22.83
CA GLU A 211 -4.96 -5.06 -21.85
C GLU A 211 -5.95 -5.83 -20.98
N GLN A 212 -6.69 -6.71 -21.63
CA GLN A 212 -7.53 -7.62 -20.88
C GLN A 212 -6.75 -8.52 -19.94
N GLN A 213 -5.60 -9.02 -20.39
CA GLN A 213 -4.82 -9.92 -19.55
C GLN A 213 -4.21 -9.19 -18.35
N ILE A 214 -3.83 -7.95 -18.59
CA ILE A 214 -3.26 -7.12 -17.55
C ILE A 214 -4.31 -6.99 -16.46
N LEU A 215 -5.54 -6.75 -16.89
CA LEU A 215 -6.58 -6.47 -15.92
C LEU A 215 -6.95 -7.76 -15.20
N GLN A 216 -6.97 -8.85 -15.94
CA GLN A 216 -7.32 -10.17 -15.44
C GLN A 216 -6.28 -10.84 -14.53
N ALA A 217 -5.08 -10.29 -14.48
CA ALA A 217 -4.12 -10.67 -13.44
C ALA A 217 -4.71 -10.51 -12.02
N ASN A 218 -5.56 -9.51 -11.79
CA ASN A 218 -5.93 -9.21 -10.41
C ASN A 218 -6.80 -10.21 -9.65
N PRO A 219 -7.88 -10.73 -10.24
CA PRO A 219 -8.61 -11.76 -9.49
C PRO A 219 -7.67 -12.94 -9.15
N ILE A 220 -6.69 -13.21 -9.98
CA ILE A 220 -5.82 -14.33 -9.64
C ILE A 220 -4.99 -13.96 -8.42
N LEU A 221 -4.35 -12.80 -8.47
CA LEU A 221 -3.48 -12.38 -7.40
C LEU A 221 -4.23 -12.20 -6.11
N GLU A 222 -5.43 -11.61 -6.20
CA GLU A 222 -6.24 -11.42 -5.01
C GLU A 222 -6.78 -12.72 -4.40
N ALA A 223 -7.16 -13.69 -5.23
CA ALA A 223 -7.64 -14.97 -4.72
C ALA A 223 -6.57 -15.67 -3.88
N PHE A 224 -5.31 -15.60 -4.34
CA PHE A 224 -4.20 -16.28 -3.68
C PHE A 224 -3.51 -15.40 -2.66
N GLY A 225 -3.61 -14.08 -2.81
CA GLY A 225 -2.78 -13.22 -2.01
C GLY A 225 -3.53 -12.31 -1.05
N ASN A 226 -4.87 -12.31 -1.10
CA ASN A 226 -5.68 -11.50 -0.22
C ASN A 226 -6.53 -12.33 0.72
N ALA A 227 -6.86 -11.76 1.87
CA ALA A 227 -7.64 -12.48 2.84
C ALA A 227 -8.38 -11.48 3.71
N LYS A 228 -9.42 -11.98 4.37
CA LYS A 228 -10.07 -11.23 5.40
C LYS A 228 -9.24 -11.11 6.65
N THR A 229 -8.91 -9.88 7.04
CA THR A 229 -8.46 -9.63 8.38
C THR A 229 -9.59 -8.91 9.10
N THR A 230 -9.38 -8.58 10.38
CA THR A 230 -10.35 -7.82 11.16
C THR A 230 -10.38 -6.37 10.67
N ARG A 231 -9.45 -5.99 9.84
CA ARG A 231 -9.48 -4.62 9.38
C ARG A 231 -9.98 -4.43 7.97
N ASN A 232 -9.92 -5.49 7.19
CA ASN A 232 -10.26 -5.43 5.76
C ASN A 232 -10.63 -6.80 5.25
N ASN A 233 -11.82 -6.88 4.67
CA ASN A 233 -12.35 -8.11 4.12
C ASN A 233 -11.59 -8.59 2.90
N ASN A 234 -10.87 -7.67 2.26
CA ASN A 234 -10.04 -7.97 1.10
C ASN A 234 -8.63 -7.46 1.27
N SER A 235 -8.08 -7.71 2.44
CA SER A 235 -6.74 -7.26 2.76
C SER A 235 -5.69 -7.93 1.85
N SER A 236 -4.83 -7.14 1.22
CA SER A 236 -3.65 -7.63 0.51
C SER A 236 -2.60 -8.08 1.50
N ARG A 237 -2.26 -9.36 1.42
CA ARG A 237 -1.27 -9.91 2.33
C ARG A 237 0.06 -10.05 1.57
N PHE A 238 0.18 -9.34 0.45
CA PHE A 238 1.44 -9.14 -0.25
C PHE A 238 1.41 -7.74 -0.85
N GLY A 239 2.59 -7.12 -0.95
CA GLY A 239 2.74 -5.85 -1.62
C GLY A 239 3.11 -6.09 -3.07
N LYS A 240 2.82 -5.11 -3.93
CA LYS A 240 3.21 -5.27 -5.32
C LYS A 240 3.55 -3.94 -6.01
N PHE A 241 4.40 -4.06 -7.00
CA PHE A 241 4.76 -2.96 -7.86
C PHE A 241 4.48 -3.38 -9.30
N ILE A 242 3.54 -2.67 -9.92
CA ILE A 242 3.08 -3.06 -11.25
C ILE A 242 3.78 -2.07 -12.18
N GLU A 243 4.65 -2.53 -13.07
CA GLU A 243 5.22 -1.60 -14.06
C GLU A 243 4.32 -1.70 -15.25
N ILE A 244 3.59 -0.63 -15.55
CA ILE A 244 2.87 -0.56 -16.80
C ILE A 244 3.81 0.01 -17.84
N GLN A 245 4.05 -0.75 -18.90
CA GLN A 245 5.11 -0.46 -19.86
C GLN A 245 4.54 0.09 -21.17
N PHE A 246 5.25 1.07 -21.72
CA PHE A 246 4.86 1.81 -22.92
C PHE A 246 5.98 1.86 -23.91
N ASN A 247 5.63 1.83 -25.19
CA ASN A 247 6.61 2.06 -26.24
C ASN A 247 6.89 3.55 -26.43
N SER A 248 7.80 3.89 -27.33
CA SER A 248 8.21 5.28 -27.54
C SER A 248 7.04 6.15 -27.96
N ALA A 249 6.04 5.53 -28.58
CA ALA A 249 4.87 6.27 -29.03
C ALA A 249 3.84 6.49 -27.92
N GLY A 250 3.99 5.83 -26.79
CA GLY A 250 3.09 6.03 -25.68
C GLY A 250 1.99 4.99 -25.58
N PHE A 251 2.01 3.97 -26.43
CA PHE A 251 1.06 2.88 -26.30
C PHE A 251 1.60 1.84 -25.35
N ILE A 252 0.67 1.18 -24.67
CA ILE A 252 1.01 0.06 -23.81
C ILE A 252 1.63 -1.08 -24.59
N SER A 253 2.78 -1.54 -24.12
CA SER A 253 3.50 -2.57 -24.82
C SER A 253 3.61 -3.73 -23.85
N GLY A 254 3.30 -3.47 -22.58
CA GLY A 254 3.27 -4.57 -21.63
C GLY A 254 3.14 -4.18 -20.18
N ALA A 255 3.43 -5.13 -19.29
CA ALA A 255 3.43 -4.90 -17.84
C ALA A 255 4.18 -6.01 -17.12
N SER A 256 4.75 -5.67 -15.95
CA SER A 256 5.47 -6.64 -15.15
C SER A 256 5.20 -6.42 -13.67
N ILE A 257 4.86 -7.48 -12.94
CA ILE A 257 4.56 -7.34 -11.51
C ILE A 257 5.69 -7.88 -10.63
N GLN A 258 6.34 -7.02 -9.85
CA GLN A 258 7.19 -7.50 -8.75
C GLN A 258 6.36 -7.64 -7.45
N SER A 259 6.17 -8.85 -6.94
CA SER A 259 5.54 -8.94 -5.60
C SER A 259 6.49 -9.06 -4.40
N TYR A 260 6.05 -8.48 -3.29
CA TYR A 260 6.68 -8.43 -1.98
C TYR A 260 6.00 -9.18 -0.83
N LEU A 261 6.76 -10.01 -0.11
CA LEU A 261 6.42 -10.27 1.29
C LEU A 261 5.00 -10.82 1.48
N LEU A 262 4.80 -12.07 1.10
CA LEU A 262 3.52 -12.66 1.32
C LEU A 262 3.50 -13.14 2.72
N GLU A 263 2.39 -12.90 3.39
CA GLU A 263 2.16 -13.41 4.72
C GLU A 263 1.89 -14.92 4.76
N LYS A 264 2.95 -15.71 4.56
CA LYS A 264 2.78 -17.16 4.50
C LYS A 264 2.24 -17.77 5.81
N SER A 265 2.54 -17.18 6.96
CA SER A 265 2.00 -17.70 8.20
C SER A 265 0.46 -17.81 8.17
N ARG A 266 -0.20 -16.97 7.39
CA ARG A 266 -1.65 -17.02 7.38
C ARG A 266 -2.19 -18.31 6.84
N VAL A 267 -1.41 -19.00 6.00
CA VAL A 267 -1.85 -20.29 5.46
C VAL A 267 -2.15 -21.28 6.59
N VAL A 268 -1.33 -21.22 7.65
CA VAL A 268 -1.41 -22.19 8.72
C VAL A 268 -2.07 -21.66 10.00
N PHE A 269 -2.27 -20.35 10.07
CA PHE A 269 -2.86 -19.79 11.26
C PHE A 269 -3.66 -18.55 10.87
N GLN A 270 -4.85 -18.45 11.45
CA GLN A 270 -5.66 -17.26 11.30
C GLN A 270 -6.29 -16.90 12.65
N SER A 271 -6.16 -15.63 13.01
CA SER A 271 -6.83 -15.05 14.16
C SER A 271 -8.35 -15.14 14.12
N GLU A 272 -8.94 -15.03 15.32
CA GLU A 272 -10.39 -15.05 15.49
C GLU A 272 -11.06 -14.06 14.57
N THR A 273 -12.07 -14.55 13.88
CA THR A 273 -12.87 -13.81 12.92
C THR A 273 -12.18 -13.57 11.56
N GLU A 274 -10.89 -13.87 11.42
CA GLU A 274 -10.22 -13.66 10.11
C GLU A 274 -10.40 -14.82 9.16
N ARG A 275 -9.94 -14.66 7.92
CA ARG A 275 -9.92 -15.83 7.04
C ARG A 275 -8.49 -16.14 6.55
N ASN A 276 -8.30 -17.37 6.13
CA ASN A 276 -7.19 -17.74 5.27
C ASN A 276 -7.39 -17.07 3.91
N TYR A 277 -6.48 -17.31 2.96
CA TYR A 277 -6.61 -16.73 1.62
C TYR A 277 -7.92 -17.15 0.97
N HIS A 278 -8.49 -16.25 0.17
CA HIS A 278 -9.80 -16.48 -0.43
C HIS A 278 -9.88 -17.79 -1.20
N ILE A 279 -8.81 -18.10 -1.91
CA ILE A 279 -8.76 -19.26 -2.81
C ILE A 279 -9.20 -20.55 -2.14
N PHE A 280 -8.84 -20.75 -0.89
CA PHE A 280 -9.26 -21.97 -0.24
C PHE A 280 -10.80 -22.09 -0.24
N TYR A 281 -11.46 -20.99 0.10
CA TYR A 281 -12.91 -20.96 0.23
C TYR A 281 -13.54 -20.97 -1.15
N GLN A 282 -12.85 -20.34 -2.09
CA GLN A 282 -13.32 -20.34 -3.47
C GLN A 282 -13.35 -21.74 -4.03
N LEU A 283 -12.29 -22.50 -3.78
CA LEU A 283 -12.24 -23.88 -4.24
C LEU A 283 -13.30 -24.73 -3.59
N LEU A 284 -13.37 -24.69 -2.26
CA LEU A 284 -14.27 -25.59 -1.58
C LEU A 284 -15.71 -25.29 -1.92
N ALA A 285 -16.00 -24.01 -2.17
CA ALA A 285 -17.35 -23.59 -2.49
C ALA A 285 -17.70 -23.77 -3.96
N GLY A 286 -16.74 -23.62 -4.84
CA GLY A 286 -17.05 -23.49 -6.26
C GLY A 286 -16.77 -24.75 -7.06
N ALA A 287 -16.06 -25.71 -6.48
CA ALA A 287 -15.59 -26.82 -7.28
C ALA A 287 -16.75 -27.74 -7.69
N THR A 288 -16.65 -28.33 -8.89
CA THR A 288 -17.62 -29.31 -9.38
C THR A 288 -17.76 -30.49 -8.42
N ALA A 289 -18.82 -31.25 -8.65
CA ALA A 289 -19.28 -32.31 -7.76
C ALA A 289 -18.17 -33.33 -7.56
N GLU A 290 -17.54 -33.73 -8.66
CA GLU A 290 -16.47 -34.70 -8.55
C GLU A 290 -15.07 -34.14 -8.76
N GLU A 291 -14.98 -32.82 -8.94
CA GLU A 291 -13.73 -32.13 -8.65
C GLU A 291 -13.45 -32.44 -7.18
N LYS A 292 -14.49 -32.31 -6.36
CA LYS A 292 -14.39 -32.50 -4.92
C LYS A 292 -14.10 -33.93 -4.51
N LYS A 293 -14.63 -34.87 -5.28
CA LYS A 293 -14.33 -36.29 -5.08
C LYS A 293 -12.89 -36.62 -5.47
N ALA A 294 -12.47 -36.15 -6.64
CA ALA A 294 -11.10 -36.36 -7.07
C ALA A 294 -10.02 -35.78 -6.14
N LEU A 295 -10.35 -34.70 -5.43
CA LEU A 295 -9.39 -34.00 -4.56
C LEU A 295 -9.62 -34.29 -3.05
N HIS A 296 -10.58 -35.15 -2.75
CA HIS A 296 -10.89 -35.53 -1.38
C HIS A 296 -11.31 -34.36 -0.51
N LEU A 297 -12.10 -33.44 -1.07
CA LEU A 297 -12.45 -32.21 -0.33
C LEU A 297 -13.82 -32.32 0.32
N ALA A 298 -13.97 -31.62 1.44
CA ALA A 298 -15.25 -31.44 2.12
C ALA A 298 -15.45 -29.95 2.24
N GLY A 299 -16.18 -29.53 3.27
CA GLY A 299 -16.42 -28.13 3.53
C GLY A 299 -15.29 -27.61 4.42
N PRO A 300 -15.23 -26.28 4.62
CA PRO A 300 -14.11 -25.65 5.34
C PRO A 300 -13.99 -26.12 6.79
N GLU A 301 -15.12 -26.45 7.37
CA GLU A 301 -15.16 -26.87 8.77
C GLU A 301 -14.35 -28.18 8.98
N SER A 302 -14.11 -28.92 7.90
CA SER A 302 -13.40 -30.20 7.99
C SER A 302 -11.87 -30.05 7.98
N PHE A 303 -11.39 -28.84 7.72
CA PHE A 303 -9.96 -28.55 7.57
C PHE A 303 -9.46 -27.60 8.62
N ASN A 304 -8.43 -28.06 9.33
CA ASN A 304 -7.78 -27.31 10.40
C ASN A 304 -7.32 -25.91 10.00
N TYR A 305 -6.92 -25.75 8.74
CA TYR A 305 -6.40 -24.47 8.27
C TYR A 305 -7.55 -23.50 7.91
N LEU A 306 -8.79 -23.98 7.98
CA LEU A 306 -9.97 -23.15 7.72
C LEU A 306 -10.98 -23.13 8.87
N ASN A 307 -10.73 -23.89 9.93
CA ASN A 307 -11.78 -24.05 10.94
C ASN A 307 -11.40 -23.55 12.30
N GLN A 308 -10.37 -22.70 12.33
CA GLN A 308 -9.84 -22.24 13.61
C GLN A 308 -10.32 -20.81 13.97
N SER A 309 -10.55 -19.96 12.95
CA SER A 309 -10.86 -18.56 13.19
C SER A 309 -12.32 -18.28 13.56
N GLY A 310 -13.21 -19.20 13.22
CA GLY A 310 -14.64 -19.09 13.44
C GLY A 310 -15.35 -18.39 12.28
N CYS A 311 -14.59 -18.02 11.25
CA CYS A 311 -15.19 -17.32 10.12
C CYS A 311 -14.83 -17.99 8.77
N VAL A 312 -15.87 -18.46 8.07
CA VAL A 312 -15.70 -19.02 6.73
C VAL A 312 -16.31 -18.17 5.65
N ASP A 313 -17.02 -17.11 6.06
CA ASP A 313 -17.73 -16.19 5.17
C ASP A 313 -17.49 -14.71 5.35
N ILE A 314 -17.60 -14.05 4.20
CA ILE A 314 -17.57 -12.59 4.12
C ILE A 314 -18.92 -12.08 3.58
N LYS A 315 -19.49 -11.09 4.26
CA LYS A 315 -20.78 -10.52 3.87
C LYS A 315 -20.70 -9.97 2.45
N GLY A 316 -21.60 -10.42 1.59
CA GLY A 316 -21.69 -9.91 0.23
C GLY A 316 -20.80 -10.63 -0.75
N VAL A 317 -20.14 -11.70 -0.29
CA VAL A 317 -19.27 -12.42 -1.18
C VAL A 317 -19.70 -13.87 -1.31
N SER A 318 -19.80 -14.27 -2.58
CA SER A 318 -20.07 -15.65 -2.95
C SER A 318 -18.72 -16.21 -3.39
N ASP A 319 -18.17 -17.07 -2.56
CA ASP A 319 -16.90 -17.69 -2.88
C ASP A 319 -16.99 -18.58 -4.14
N SER A 320 -18.15 -19.18 -4.37
CA SER A 320 -18.36 -19.95 -5.59
C SER A 320 -18.33 -19.13 -6.87
N GLU A 321 -18.97 -17.97 -6.78
CA GLU A 321 -19.01 -17.05 -7.88
C GLU A 321 -17.58 -16.52 -8.13
N GLU A 322 -16.88 -16.24 -7.04
CA GLU A 322 -15.51 -15.73 -7.11
C GLU A 322 -14.62 -16.78 -7.75
N PHE A 323 -14.86 -18.04 -7.43
CA PHE A 323 -14.09 -19.13 -8.01
C PHE A 323 -14.24 -19.13 -9.52
N LYS A 324 -15.48 -18.91 -9.96
CA LYS A 324 -15.74 -18.83 -11.39
C LYS A 324 -15.00 -17.65 -12.02
N ILE A 325 -14.98 -16.53 -11.31
CA ILE A 325 -14.23 -15.36 -11.81
C ILE A 325 -12.71 -15.59 -11.87
N THR A 326 -12.17 -16.25 -10.85
CA THR A 326 -10.75 -16.57 -10.80
C THR A 326 -10.33 -17.52 -11.92
N ARG A 327 -11.12 -18.57 -12.14
CA ARG A 327 -10.84 -19.52 -13.23
C ARG A 327 -10.93 -18.85 -14.58
N GLN A 328 -11.90 -17.95 -14.71
CA GLN A 328 -12.04 -17.22 -15.95
C GLN A 328 -10.81 -16.35 -16.19
N ALA A 329 -10.30 -15.76 -15.12
CA ALA A 329 -9.08 -14.98 -15.25
C ALA A 329 -7.91 -15.84 -15.71
N MET A 330 -7.77 -17.01 -15.09
CA MET A 330 -6.74 -17.94 -15.50
C MET A 330 -6.91 -18.31 -16.99
N ASP A 331 -8.16 -18.45 -17.46
CA ASP A 331 -8.38 -18.71 -18.90
C ASP A 331 -7.83 -17.57 -19.76
N ILE A 332 -8.16 -16.33 -19.43
CA ILE A 332 -7.71 -15.21 -20.25
C ILE A 332 -6.18 -15.04 -20.23
N VAL A 333 -5.58 -15.19 -19.06
CA VAL A 333 -4.12 -15.08 -18.93
C VAL A 333 -3.39 -16.26 -19.61
N GLY A 334 -3.99 -17.43 -19.61
CA GLY A 334 -3.43 -18.51 -20.42
C GLY A 334 -2.88 -19.72 -19.68
N PHE A 335 -3.26 -19.87 -18.42
CA PHE A 335 -2.93 -21.11 -17.72
C PHE A 335 -3.75 -22.21 -18.38
N SER A 336 -3.08 -23.31 -18.72
CA SER A 336 -3.77 -24.44 -19.30
C SER A 336 -4.68 -25.14 -18.31
N GLN A 337 -5.53 -26.00 -18.82
CA GLN A 337 -6.39 -26.80 -17.97
C GLN A 337 -5.60 -27.69 -17.01
N GLU A 338 -4.54 -28.30 -17.50
CA GLU A 338 -3.70 -29.15 -16.66
C GLU A 338 -3.01 -28.29 -15.57
N GLU A 339 -2.57 -27.09 -15.95
CA GLU A 339 -1.89 -26.20 -15.01
C GLU A 339 -2.84 -25.82 -13.87
N GLN A 340 -4.07 -25.49 -14.24
CA GLN A 340 -5.06 -25.04 -13.27
C GLN A 340 -5.36 -26.19 -12.35
N MET A 341 -5.49 -27.38 -12.95
CA MET A 341 -5.76 -28.56 -12.15
C MET A 341 -4.68 -28.85 -11.13
N SER A 342 -3.42 -28.65 -11.54
CA SER A 342 -2.29 -28.79 -10.64
C SER A 342 -2.29 -27.75 -9.52
N ILE A 343 -2.64 -26.50 -9.86
CA ILE A 343 -2.78 -25.43 -8.90
C ILE A 343 -3.77 -25.85 -7.82
N PHE A 344 -4.92 -26.36 -8.25
CA PHE A 344 -5.93 -26.77 -7.27
C PHE A 344 -5.52 -28.04 -6.49
N LYS A 345 -4.74 -28.92 -7.13
CA LYS A 345 -4.16 -30.05 -6.42
C LYS A 345 -3.25 -29.56 -5.31
N ILE A 346 -2.52 -28.48 -5.57
CA ILE A 346 -1.61 -27.96 -4.56
C ILE A 346 -2.41 -27.33 -3.39
N ILE A 347 -3.45 -26.57 -3.72
CA ILE A 347 -4.30 -25.96 -2.67
C ILE A 347 -4.93 -27.03 -1.78
N ALA A 348 -5.46 -28.05 -2.44
CA ALA A 348 -6.11 -29.18 -1.76
C ALA A 348 -5.09 -29.98 -0.92
N GLY A 349 -3.90 -30.18 -1.48
CA GLY A 349 -2.86 -30.88 -0.77
C GLY A 349 -2.43 -30.19 0.49
N ILE A 350 -2.40 -28.87 0.44
CA ILE A 350 -2.11 -28.02 1.59
C ILE A 350 -3.20 -28.25 2.67
N LEU A 351 -4.48 -28.25 2.27
CA LEU A 351 -5.50 -28.48 3.29
C LEU A 351 -5.34 -29.86 3.96
N HIS A 352 -5.03 -30.86 3.14
CA HIS A 352 -4.79 -32.18 3.72
C HIS A 352 -3.57 -32.19 4.63
N LEU A 353 -2.47 -31.53 4.23
CA LEU A 353 -1.29 -31.49 5.09
C LEU A 353 -1.71 -30.94 6.44
N GLY A 354 -2.60 -29.97 6.39
CA GLY A 354 -3.04 -29.33 7.62
C GLY A 354 -3.83 -30.25 8.50
N ASN A 355 -4.42 -31.29 7.89
CA ASN A 355 -5.22 -32.25 8.67
C ASN A 355 -4.46 -33.41 9.31
N ILE A 356 -3.20 -33.55 8.96
CA ILE A 356 -2.34 -34.56 9.59
C ILE A 356 -2.18 -34.30 11.09
N LYS A 357 -2.37 -35.34 11.90
CA LYS A 357 -2.31 -35.15 13.34
C LYS A 357 -1.20 -36.01 13.96
N PHE A 358 -0.14 -35.35 14.39
CA PHE A 358 0.98 -36.05 14.97
C PHE A 358 0.61 -36.37 16.42
N GLU A 359 1.06 -37.52 16.92
CA GLU A 359 0.88 -37.87 18.32
C GLU A 359 2.18 -38.34 18.95
N LYS A 360 2.25 -38.27 20.28
CA LYS A 360 3.41 -38.76 20.98
C LYS A 360 3.47 -40.28 20.82
N GLY A 361 4.62 -40.79 20.38
CA GLY A 361 4.85 -42.22 20.34
C GLY A 361 5.28 -42.76 21.68
N ALA A 362 5.84 -43.97 21.65
CA ALA A 362 6.38 -44.60 22.86
C ALA A 362 7.44 -43.74 23.57
N GLY A 363 8.30 -43.07 22.81
CA GLY A 363 9.27 -42.17 23.41
C GLY A 363 8.88 -40.71 23.20
N GLU A 364 9.88 -39.84 23.01
CA GLU A 364 9.62 -38.41 22.78
C GLU A 364 9.21 -38.12 21.35
N GLY A 365 9.65 -38.98 20.43
CA GLY A 365 9.42 -38.81 19.01
C GLY A 365 7.97 -38.99 18.64
N ALA A 366 7.52 -38.22 17.66
CA ALA A 366 6.16 -38.29 17.17
C ALA A 366 5.84 -39.51 16.30
N VAL A 367 4.56 -39.86 16.25
CA VAL A 367 4.10 -40.89 15.32
C VAL A 367 2.83 -40.43 14.62
N LEU A 368 2.48 -41.12 13.55
CA LEU A 368 1.25 -40.83 12.78
C LEU A 368 0.42 -42.09 12.83
N LYS A 369 -0.63 -42.08 13.66
CA LYS A 369 -1.50 -43.25 13.76
C LYS A 369 -2.53 -43.33 12.67
N ASP A 370 -3.06 -42.19 12.25
CA ASP A 370 -4.01 -42.16 11.17
C ASP A 370 -3.34 -41.50 9.93
N LYS A 371 -3.31 -42.20 8.79
CA LYS A 371 -2.62 -41.65 7.62
C LYS A 371 -3.57 -41.18 6.51
N THR A 372 -4.84 -40.97 6.86
CA THR A 372 -5.80 -40.57 5.86
C THR A 372 -5.39 -39.25 5.22
N ALA A 373 -5.13 -38.21 6.03
CA ALA A 373 -4.70 -36.91 5.48
C ALA A 373 -3.33 -36.95 4.78
N LEU A 374 -2.35 -37.61 5.40
CA LEU A 374 -1.04 -37.84 4.75
C LEU A 374 -1.19 -38.49 3.38
N ASN A 375 -1.99 -39.54 3.33
CA ASN A 375 -2.23 -40.28 2.10
C ASN A 375 -2.96 -39.44 1.07
N ALA A 376 -3.95 -38.65 1.48
CA ALA A 376 -4.64 -37.79 0.54
C ALA A 376 -3.79 -36.66 -0.03
N ALA A 377 -2.99 -36.03 0.81
CA ALA A 377 -2.00 -35.08 0.35
C ALA A 377 -1.04 -35.72 -0.63
N SER A 378 -0.52 -36.88 -0.29
CA SER A 378 0.49 -37.50 -1.14
C SER A 378 -0.07 -37.85 -2.48
N THR A 379 -1.32 -38.30 -2.45
CA THR A 379 -2.01 -38.66 -3.65
C THR A 379 -2.20 -37.44 -4.56
N VAL A 380 -2.71 -36.34 -4.02
CA VAL A 380 -2.93 -35.20 -4.87
C VAL A 380 -1.62 -34.51 -5.31
N PHE A 381 -0.61 -34.47 -4.43
CA PHE A 381 0.68 -33.87 -4.80
C PHE A 381 1.48 -34.77 -5.74
N GLY A 382 1.16 -36.07 -5.77
CA GLY A 382 1.95 -37.06 -6.51
C GLY A 382 3.32 -37.35 -5.94
N VAL A 383 3.38 -37.45 -4.62
CA VAL A 383 4.59 -37.84 -3.91
C VAL A 383 4.41 -39.15 -3.15
N ASN A 384 5.54 -39.73 -2.74
CA ASN A 384 5.52 -40.98 -2.01
C ASN A 384 5.21 -40.71 -0.56
N PRO A 385 4.09 -41.26 -0.06
CA PRO A 385 3.67 -40.97 1.32
C PRO A 385 4.63 -41.47 2.40
N SER A 386 5.31 -42.59 2.17
CA SER A 386 6.24 -43.08 3.19
C SER A 386 7.44 -42.17 3.31
N VAL A 387 7.88 -41.69 2.14
CA VAL A 387 9.00 -40.76 2.08
C VAL A 387 8.57 -39.47 2.76
N LEU A 388 7.35 -39.03 2.52
CA LEU A 388 6.88 -37.80 3.15
C LEU A 388 6.84 -37.96 4.67
N GLU A 389 6.30 -39.07 5.14
CA GLU A 389 6.20 -39.36 6.56
C GLU A 389 7.57 -39.34 7.25
N LYS A 390 8.54 -40.05 6.67
CA LYS A 390 9.89 -40.05 7.20
C LYS A 390 10.47 -38.65 7.19
N ALA A 391 10.20 -37.91 6.12
CA ALA A 391 10.71 -36.56 6.03
C ALA A 391 10.05 -35.59 7.04
N LEU A 392 8.79 -35.83 7.39
CA LEU A 392 8.15 -35.03 8.43
C LEU A 392 8.63 -35.33 9.85
N MET A 393 8.70 -36.60 10.22
CA MET A 393 9.03 -36.92 11.61
C MET A 393 10.46 -37.37 11.84
N GLU A 394 11.11 -37.85 10.80
CA GLU A 394 12.48 -38.28 10.99
C GLU A 394 13.42 -37.72 9.91
N PRO A 395 13.51 -36.40 9.78
CA PRO A 395 14.37 -35.88 8.71
C PRO A 395 15.86 -36.10 9.06
N ARG A 396 16.66 -36.29 8.02
CA ARG A 396 18.10 -36.46 8.18
C ARG A 396 18.82 -35.15 8.04
N ILE A 397 19.79 -34.96 8.91
CA ILE A 397 20.65 -33.80 8.88
C ILE A 397 22.11 -34.25 8.98
N LEU A 398 23.06 -33.35 8.75
CA LEU A 398 24.48 -33.60 9.03
C LEU A 398 24.83 -33.16 10.49
N ALA A 399 25.63 -33.99 11.15
CA ALA A 399 26.29 -33.63 12.36
C ALA A 399 27.81 -33.68 12.09
N GLY A 400 28.41 -32.54 11.88
CA GLY A 400 29.72 -32.54 11.23
C GLY A 400 29.55 -33.02 9.80
N ARG A 401 30.08 -34.17 9.54
CA ARG A 401 29.90 -34.82 8.28
C ARG A 401 29.06 -36.10 8.38
N ASP A 402 28.77 -36.49 9.61
CA ASP A 402 27.94 -37.66 9.83
C ASP A 402 26.49 -37.43 9.42
N LEU A 403 25.82 -38.52 9.05
CA LEU A 403 24.44 -38.44 8.64
C LEU A 403 23.52 -39.00 9.72
N VAL A 404 22.69 -38.13 10.30
CA VAL A 404 21.86 -38.48 11.45
C VAL A 404 20.39 -38.25 11.23
N ALA A 405 19.60 -39.30 11.45
CA ALA A 405 18.16 -39.19 11.42
C ALA A 405 17.70 -38.49 12.70
N GLN A 406 16.92 -37.42 12.60
CA GLN A 406 16.37 -36.87 13.82
C GLN A 406 15.12 -37.69 14.13
N HIS A 407 14.57 -37.52 15.31
CA HIS A 407 13.22 -38.00 15.53
C HIS A 407 12.46 -36.91 16.21
N LEU A 408 11.73 -36.15 15.41
CA LEU A 408 11.10 -34.97 15.93
C LEU A 408 9.90 -35.32 16.79
N ASN A 409 9.73 -34.56 17.85
CA ASN A 409 8.56 -34.66 18.71
C ASN A 409 7.34 -34.08 18.01
N VAL A 410 6.20 -34.07 18.71
CA VAL A 410 4.94 -33.65 18.11
C VAL A 410 5.01 -32.22 17.62
N GLU A 411 5.57 -31.36 18.43
CA GLU A 411 5.59 -29.94 18.18
C GLU A 411 6.49 -29.61 16.97
N LYS A 412 7.68 -30.22 16.96
CA LYS A 412 8.62 -30.05 15.87
C LYS A 412 8.08 -30.60 14.57
N SER A 413 7.36 -31.72 14.66
CA SER A 413 6.70 -32.33 13.51
C SER A 413 5.61 -31.44 12.93
N SER A 414 4.79 -30.87 13.80
CA SER A 414 3.75 -29.96 13.33
C SER A 414 4.37 -28.73 12.68
N SER A 415 5.43 -28.22 13.30
CA SER A 415 6.11 -27.05 12.78
C SER A 415 6.71 -27.32 11.42
N SER A 416 7.32 -28.49 11.28
CA SER A 416 7.89 -28.84 9.99
C SER A 416 6.81 -28.99 8.92
N ARG A 417 5.71 -29.67 9.25
CA ARG A 417 4.60 -29.80 8.33
C ARG A 417 4.13 -28.39 7.93
N ASP A 418 4.00 -27.47 8.89
CA ASP A 418 3.61 -26.10 8.60
C ASP A 418 4.62 -25.36 7.68
N ALA A 419 5.90 -25.59 7.93
CA ALA A 419 6.98 -25.04 7.14
C ALA A 419 6.86 -25.52 5.72
N LEU A 420 6.57 -26.81 5.58
CA LEU A 420 6.32 -27.36 4.27
C LEU A 420 5.13 -26.71 3.58
N VAL A 421 4.03 -26.56 4.31
CA VAL A 421 2.84 -25.93 3.76
C VAL A 421 3.13 -24.49 3.30
N LYS A 422 3.78 -23.71 4.16
CA LYS A 422 4.12 -22.34 3.85
C LYS A 422 5.04 -22.24 2.63
N ALA A 423 6.03 -23.13 2.55
CA ALA A 423 6.94 -23.18 1.40
C ALA A 423 6.14 -23.50 0.15
N LEU A 424 5.24 -24.48 0.22
CA LEU A 424 4.42 -24.79 -0.93
C LEU A 424 3.59 -23.60 -1.39
N TYR A 425 2.93 -22.93 -0.45
CA TYR A 425 2.03 -21.86 -0.82
C TYR A 425 2.84 -20.69 -1.44
N GLY A 426 3.94 -20.32 -0.78
CA GLY A 426 4.76 -19.22 -1.25
C GLY A 426 5.42 -19.49 -2.60
N ARG A 427 5.90 -20.71 -2.81
CA ARG A 427 6.44 -21.02 -4.11
C ARG A 427 5.35 -21.04 -5.18
N LEU A 428 4.20 -21.58 -4.85
CA LEU A 428 3.10 -21.55 -5.80
C LEU A 428 2.75 -20.09 -6.16
N PHE A 429 2.65 -19.22 -5.14
CA PHE A 429 2.34 -17.81 -5.35
C PHE A 429 3.39 -17.18 -6.30
N LEU A 430 4.65 -17.48 -6.01
CA LEU A 430 5.72 -17.01 -6.84
C LEU A 430 5.59 -17.49 -8.27
N TRP A 431 5.22 -18.75 -8.43
CA TRP A 431 5.05 -19.33 -9.74
C TRP A 431 3.89 -18.66 -10.51
N LEU A 432 2.75 -18.46 -9.86
CA LEU A 432 1.66 -17.73 -10.44
C LEU A 432 2.09 -16.37 -10.93
N VAL A 433 2.82 -15.63 -10.09
CA VAL A 433 3.28 -14.33 -10.52
C VAL A 433 4.20 -14.39 -11.74
N LYS A 434 5.15 -15.33 -11.71
CA LYS A 434 6.11 -15.53 -12.79
C LYS A 434 5.45 -15.92 -14.13
N LYS A 435 4.44 -16.75 -14.03
CA LYS A 435 3.70 -17.23 -15.17
C LYS A 435 2.93 -16.05 -15.82
N ILE A 436 2.31 -15.28 -14.94
CA ILE A 436 1.66 -14.03 -15.31
C ILE A 436 2.61 -13.07 -16.03
N ASN A 437 3.78 -12.86 -15.45
CA ASN A 437 4.72 -11.95 -16.07
C ASN A 437 5.11 -12.45 -17.46
N ASN A 438 5.25 -13.78 -17.61
CA ASN A 438 5.68 -14.29 -18.91
C ASN A 438 4.68 -13.96 -19.98
N VAL A 439 3.40 -14.07 -19.60
CA VAL A 439 2.37 -13.58 -20.50
C VAL A 439 2.30 -12.04 -20.71
N LEU A 440 2.53 -11.22 -19.69
CA LEU A 440 2.40 -9.78 -19.97
C LEU A 440 3.67 -9.10 -20.49
N CYS A 441 4.78 -9.81 -20.49
CA CYS A 441 6.02 -9.21 -20.88
C CYS A 441 6.60 -9.86 -22.11
N GLN A 442 6.33 -9.26 -23.25
CA GLN A 442 6.63 -9.73 -24.60
C GLN A 442 7.52 -8.76 -25.36
N GLU A 443 7.71 -7.55 -24.84
CA GLU A 443 8.44 -6.50 -25.55
C GLU A 443 9.18 -5.63 -24.56
N ARG A 444 10.40 -5.26 -24.94
CA ARG A 444 11.23 -4.31 -24.21
C ARG A 444 10.55 -2.96 -24.22
N LYS A 445 10.48 -2.35 -23.04
CA LYS A 445 9.77 -1.09 -22.84
C LYS A 445 10.61 0.09 -23.32
N ALA A 446 9.92 1.17 -23.71
CA ALA A 446 10.55 2.49 -23.81
C ALA A 446 10.38 3.21 -22.47
N TYR A 447 9.18 3.14 -21.92
CA TYR A 447 8.86 3.84 -20.67
C TYR A 447 8.00 3.00 -19.74
N PHE A 448 7.92 3.44 -18.49
CA PHE A 448 6.98 2.80 -17.58
C PHE A 448 6.34 3.80 -16.65
N ILE A 449 5.14 3.46 -16.23
CA ILE A 449 4.54 4.09 -15.09
C ILE A 449 4.38 2.95 -14.08
N GLY A 450 5.00 3.09 -12.92
CA GLY A 450 4.94 2.05 -11.92
C GLY A 450 3.90 2.41 -10.89
N VAL A 451 3.06 1.45 -10.55
CA VAL A 451 2.00 1.66 -9.57
C VAL A 451 2.27 0.73 -8.38
N LEU A 452 2.39 1.35 -7.19
CA LEU A 452 2.76 0.65 -5.95
C LEU A 452 1.52 0.37 -5.08
N ASP A 453 1.30 -0.89 -4.73
CA ASP A 453 0.15 -1.23 -3.91
C ASP A 453 0.70 -2.12 -2.78
N ILE A 454 1.28 -1.51 -1.75
CA ILE A 454 1.77 -2.31 -0.63
C ILE A 454 0.68 -2.76 0.35
N SER A 455 1.00 -3.70 1.23
CA SER A 455 0.14 -3.93 2.40
C SER A 455 0.28 -2.75 3.35
N GLY A 456 -0.85 -2.21 3.78
CA GLY A 456 -0.84 -0.95 4.50
C GLY A 456 -0.57 -1.05 5.99
N PHE A 457 -0.23 0.09 6.55
CA PHE A 457 0.07 0.17 7.97
C PHE A 457 -1.05 -0.52 8.75
N GLU A 458 -0.70 -1.41 9.68
CA GLU A 458 -1.75 -2.15 10.42
C GLU A 458 -1.33 -2.47 11.87
N ILE A 459 -2.30 -2.46 12.78
CA ILE A 459 -2.02 -2.76 14.19
C ILE A 459 -3.10 -3.70 14.74
N PHE A 460 -2.65 -4.81 15.34
CA PHE A 460 -3.50 -5.79 16.00
C PHE A 460 -3.12 -5.93 17.48
N LYS A 461 -3.92 -6.67 18.25
CA LYS A 461 -3.61 -6.99 19.66
C LYS A 461 -2.23 -7.60 19.78
N VAL A 462 -1.87 -8.41 18.79
CA VAL A 462 -0.58 -9.07 18.76
C VAL A 462 0.04 -8.76 17.43
N ASN A 463 1.16 -8.07 17.50
CA ASN A 463 1.91 -7.69 16.31
C ASN A 463 3.18 -8.49 16.25
N SER A 464 3.40 -9.12 15.11
CA SER A 464 4.59 -9.92 14.98
C SER A 464 5.56 -9.41 13.88
N PHE A 465 6.51 -10.26 13.52
CA PHE A 465 7.53 -9.94 12.54
C PHE A 465 6.87 -9.46 11.23
N GLU A 466 5.75 -10.06 10.84
CA GLU A 466 5.06 -9.61 9.62
C GLU A 466 4.61 -8.14 9.74
N GLN A 467 4.09 -7.77 10.92
CA GLN A 467 3.66 -6.39 11.19
C GLN A 467 4.86 -5.44 11.16
N LEU A 468 5.99 -5.92 11.68
CA LEU A 468 7.18 -5.07 11.63
C LEU A 468 7.59 -4.80 10.16
N CYS A 469 7.55 -5.81 9.33
CA CYS A 469 7.95 -5.63 7.95
C CYS A 469 7.00 -4.70 7.18
N ILE A 470 5.71 -4.90 7.43
CA ILE A 470 4.71 -4.08 6.79
C ILE A 470 4.87 -2.64 7.19
N ASN A 471 4.99 -2.44 8.51
CA ASN A 471 4.93 -1.08 9.07
C ASN A 471 6.22 -0.36 8.69
N TYR A 472 7.30 -1.15 8.54
CA TYR A 472 8.58 -0.64 8.08
C TYR A 472 8.46 -0.12 6.66
N THR A 473 7.79 -0.91 5.83
CA THR A 473 7.61 -0.52 4.45
C THR A 473 6.78 0.76 4.34
N ASN A 474 5.70 0.82 5.14
CA ASN A 474 4.85 2.01 5.18
C ASN A 474 5.64 3.21 5.69
N GLU A 475 6.50 3.04 6.71
CA GLU A 475 7.36 4.16 7.16
C GLU A 475 8.31 4.63 6.03
N LYS A 476 8.83 3.70 5.24
CA LYS A 476 9.76 4.06 4.16
C LYS A 476 9.00 4.85 3.07
N LEU A 477 7.79 4.40 2.76
CA LEU A 477 6.94 5.12 1.84
C LEU A 477 6.54 6.53 2.30
N GLN A 478 6.22 6.70 3.59
CA GLN A 478 5.91 8.04 4.09
C GLN A 478 7.19 8.89 3.98
N GLN A 479 8.34 8.31 4.32
CA GLN A 479 9.59 9.05 4.17
C GLN A 479 9.85 9.47 2.73
N PHE A 480 9.52 8.63 1.78
CA PHE A 480 9.65 9.01 0.38
C PHE A 480 8.81 10.21 0.00
N PHE A 481 7.55 10.20 0.43
CA PHE A 481 6.72 11.41 0.33
C PHE A 481 7.41 12.61 0.98
N ASN A 482 7.90 12.43 2.22
CA ASN A 482 8.54 13.53 2.93
C ASN A 482 9.75 14.09 2.15
N HIS A 483 10.55 13.18 1.62
CA HIS A 483 11.74 13.54 0.87
C HIS A 483 11.41 14.38 -0.37
N HIS A 484 10.42 13.94 -1.14
CA HIS A 484 10.05 14.63 -2.38
C HIS A 484 9.29 15.94 -2.19
N MET A 485 8.44 15.98 -1.16
CA MET A 485 7.55 17.11 -0.93
C MET A 485 8.25 18.24 -0.26
N PHE A 486 9.15 17.91 0.65
CA PHE A 486 9.70 18.90 1.55
C PHE A 486 11.19 19.03 1.32
N LYS A 487 11.93 17.93 1.33
CA LYS A 487 13.38 18.04 1.35
C LYS A 487 13.98 18.45 0.00
N LEU A 488 13.73 17.64 -1.03
CA LEU A 488 14.15 17.92 -2.40
C LEU A 488 13.60 19.22 -2.99
N GLU A 489 12.35 19.54 -2.67
CA GLU A 489 11.71 20.76 -3.15
C GLU A 489 12.50 21.97 -2.71
N GLN A 490 12.79 22.00 -1.42
CA GLN A 490 13.50 23.13 -0.86
C GLN A 490 14.96 23.13 -1.29
N GLU A 491 15.56 21.96 -1.45
CA GLU A 491 16.88 21.86 -2.07
C GLU A 491 16.93 22.51 -3.46
N GLU A 492 15.87 22.34 -4.24
CA GLU A 492 15.81 23.00 -5.53
C GLU A 492 15.76 24.50 -5.27
N TYR A 493 14.81 24.96 -4.46
CA TYR A 493 14.77 26.40 -4.14
C TYR A 493 16.15 26.97 -3.78
N LEU A 494 16.88 26.28 -2.92
CA LEU A 494 18.10 26.81 -2.35
C LEU A 494 19.27 26.77 -3.33
N LYS A 495 19.30 25.76 -4.19
CA LYS A 495 20.30 25.66 -5.25
C LYS A 495 20.03 26.72 -6.34
N GLU A 496 18.77 27.06 -6.55
CA GLU A 496 18.39 28.05 -7.55
C GLU A 496 18.37 29.42 -6.90
N LYS A 497 18.89 29.48 -5.68
CA LYS A 497 18.98 30.70 -4.87
C LYS A 497 17.80 31.63 -5.06
N ILE A 498 16.62 31.17 -4.71
CA ILE A 498 15.45 32.02 -4.89
C ILE A 498 15.03 32.79 -3.66
N ASN A 499 15.96 33.00 -2.72
CA ASN A 499 15.63 33.74 -1.51
C ASN A 499 14.71 33.07 -0.52
N TRP A 500 14.86 31.76 -0.38
CA TRP A 500 13.98 30.93 0.43
C TRP A 500 14.63 30.72 1.80
N THR A 501 13.86 30.95 2.85
CA THR A 501 14.31 30.53 4.17
C THR A 501 13.74 29.13 4.33
N PHE A 502 14.63 28.19 4.59
CA PHE A 502 14.30 26.79 4.72
C PHE A 502 13.31 26.60 5.86
N ILE A 503 12.31 25.76 5.64
CA ILE A 503 11.30 25.50 6.67
C ILE A 503 11.38 24.06 7.18
N ASP A 504 11.32 23.93 8.50
CA ASP A 504 11.36 22.62 9.13
C ASP A 504 9.89 22.23 9.29
N PHE A 505 9.42 21.34 8.42
CA PHE A 505 8.03 20.93 8.42
C PHE A 505 7.78 19.90 9.52
N GLY A 506 8.86 19.49 10.19
CA GLY A 506 8.74 18.64 11.36
C GLY A 506 8.32 17.22 11.06
N LEU A 507 8.56 16.78 9.83
CA LEU A 507 8.23 15.42 9.44
C LEU A 507 9.50 14.73 8.98
N ASP A 508 9.97 13.82 9.82
CA ASP A 508 11.12 13.01 9.48
C ASP A 508 11.09 11.66 10.17
N SER A 509 10.86 10.64 9.35
CA SER A 509 10.80 9.24 9.74
C SER A 509 12.15 8.53 9.80
N GLN A 510 13.23 9.27 9.57
CA GLN A 510 14.52 8.63 9.37
C GLN A 510 14.99 7.87 10.61
N ALA A 511 14.77 8.45 11.79
CA ALA A 511 15.20 7.84 13.03
C ALA A 511 14.52 6.48 13.21
N THR A 512 13.22 6.41 12.90
CA THR A 512 12.47 5.16 13.03
C THR A 512 12.97 4.13 12.00
N ILE A 513 13.23 4.60 10.78
CA ILE A 513 13.77 3.76 9.73
C ILE A 513 15.15 3.18 10.08
N ASP A 514 16.00 4.03 10.62
CA ASP A 514 17.36 3.66 11.00
C ASP A 514 17.32 2.66 12.17
N LEU A 515 16.42 2.91 13.10
CA LEU A 515 16.19 1.99 14.19
C LEU A 515 15.85 0.62 13.64
N ILE A 516 15.02 0.56 12.60
CA ILE A 516 14.64 -0.77 12.12
C ILE A 516 15.77 -1.37 11.27
N ASP A 517 16.43 -0.59 10.42
CA ASP A 517 17.26 -1.24 9.41
C ASP A 517 18.70 -0.70 9.29
N GLY A 518 19.18 -0.06 10.35
CA GLY A 518 20.50 0.51 10.37
C GLY A 518 21.57 -0.55 10.34
N ARG A 519 22.77 -0.18 9.89
CA ARG A 519 23.90 -1.11 9.92
C ARG A 519 24.96 -0.84 10.97
N GLN A 520 25.40 0.41 11.09
CA GLN A 520 26.26 0.78 12.20
C GLN A 520 25.85 2.09 12.81
N PRO A 521 25.44 2.04 14.08
CA PRO A 521 25.26 0.82 14.90
C PRO A 521 24.11 -0.04 14.34
N PRO A 522 24.13 -1.36 14.62
CA PRO A 522 23.07 -2.24 14.11
C PRO A 522 21.67 -1.84 14.58
N GLY A 523 20.71 -1.89 13.65
CA GLY A 523 19.30 -1.70 13.96
C GLY A 523 18.67 -3.02 14.39
N ILE A 524 17.36 -2.99 14.58
CA ILE A 524 16.60 -4.18 14.97
C ILE A 524 16.85 -5.36 14.03
N LEU A 525 16.78 -5.14 12.72
CA LEU A 525 16.90 -6.22 11.75
C LEU A 525 18.30 -6.85 11.73
N ALA A 526 19.32 -6.00 11.89
CA ALA A 526 20.69 -6.49 11.99
C ALA A 526 20.96 -7.36 13.23
N LEU A 527 20.41 -6.97 14.37
CA LEU A 527 20.52 -7.78 15.58
C LEU A 527 19.70 -9.05 15.44
N LEU A 528 18.58 -8.93 14.76
CA LEU A 528 17.78 -10.10 14.45
C LEU A 528 18.58 -11.09 13.63
N ASP A 529 19.22 -10.60 12.57
CA ASP A 529 20.01 -11.46 11.68
C ASP A 529 21.16 -12.15 12.42
N GLU A 530 21.82 -11.37 13.26
CA GLU A 530 22.94 -11.88 14.04
C GLU A 530 22.46 -12.98 14.98
N GLN A 531 21.37 -12.72 15.70
CA GLN A 531 20.81 -13.75 16.55
C GLN A 531 20.38 -14.95 15.71
N SER A 532 20.01 -14.72 14.45
CA SER A 532 19.47 -15.80 13.61
C SER A 532 20.55 -16.76 13.13
N VAL A 533 21.80 -16.29 13.05
CA VAL A 533 22.84 -17.28 12.74
C VAL A 533 23.69 -17.75 13.94
N PHE A 534 23.25 -17.40 15.15
CA PHE A 534 23.96 -17.74 16.37
C PHE A 534 23.32 -18.98 17.01
N PRO A 535 24.05 -20.11 17.05
CA PRO A 535 23.52 -21.44 17.42
C PRO A 535 22.78 -21.48 18.76
N ASN A 536 23.22 -20.70 19.75
CA ASN A 536 22.59 -20.78 21.04
C ASN A 536 21.42 -19.80 21.23
N ALA A 537 21.04 -19.09 20.16
CA ALA A 537 20.11 -17.96 20.27
C ALA A 537 18.67 -18.42 20.57
N THR A 538 17.94 -17.63 21.35
CA THR A 538 16.49 -17.82 21.48
C THR A 538 15.67 -16.53 21.32
N ASP A 539 14.34 -16.66 21.31
CA ASP A 539 13.47 -15.49 21.22
C ASP A 539 13.77 -14.62 22.43
N ASN A 540 14.16 -15.27 23.52
CA ASN A 540 14.61 -14.56 24.70
C ASN A 540 15.99 -13.88 24.70
N THR A 541 16.97 -14.50 24.04
CA THR A 541 18.25 -13.83 23.92
C THR A 541 18.07 -12.70 22.94
N LEU A 542 17.18 -12.89 21.96
CA LEU A 542 16.89 -11.82 21.00
C LEU A 542 16.27 -10.58 21.64
N ILE A 543 15.20 -10.78 22.43
CA ILE A 543 14.53 -9.59 22.98
C ILE A 543 15.45 -8.90 23.97
N THR A 544 16.18 -9.69 24.74
CA THR A 544 17.17 -9.14 25.64
C THR A 544 18.22 -8.32 24.92
N LYS A 545 18.67 -8.84 23.81
CA LYS A 545 19.66 -8.16 22.99
C LYS A 545 19.11 -6.81 22.44
N LEU A 546 17.85 -6.81 21.98
CA LEU A 546 17.23 -5.56 21.53
C LEU A 546 17.14 -4.56 22.67
N HIS A 547 16.66 -4.99 23.83
CA HIS A 547 16.54 -4.03 24.92
C HIS A 547 17.91 -3.49 25.26
N SER A 548 18.90 -4.37 25.24
CA SER A 548 20.25 -3.97 25.60
C SER A 548 20.76 -2.85 24.66
N HIS A 549 20.45 -2.97 23.38
CA HIS A 549 20.93 -1.97 22.44
C HIS A 549 20.11 -0.66 22.39
N PHE A 550 18.80 -0.76 22.58
CA PHE A 550 17.93 0.41 22.33
C PHE A 550 17.18 1.01 23.53
N SER A 551 16.99 0.23 24.58
CA SER A 551 16.18 0.70 25.70
C SER A 551 16.93 1.88 26.35
N LYS A 552 16.21 2.98 26.58
CA LYS A 552 16.79 4.23 27.10
C LYS A 552 17.92 4.83 26.26
N LYS A 553 18.04 4.39 25.01
CA LYS A 553 19.10 4.86 24.11
C LYS A 553 18.47 5.42 22.82
N ASN A 554 17.61 4.67 22.16
CA ASN A 554 16.98 5.14 20.95
C ASN A 554 15.60 5.72 21.26
N ALA A 555 15.37 6.97 20.86
CA ALA A 555 14.14 7.71 21.18
C ALA A 555 12.86 7.13 20.57
N LYS A 556 13.02 6.27 19.54
CA LYS A 556 11.88 5.65 18.88
C LYS A 556 11.54 4.23 19.36
N TYR A 557 12.31 3.72 20.32
CA TYR A 557 12.16 2.37 20.86
C TYR A 557 11.63 2.37 22.31
N GLU A 558 10.84 1.39 22.69
CA GLU A 558 10.46 1.31 24.10
C GLU A 558 10.57 -0.12 24.63
N GLU A 559 11.27 -0.27 25.75
CA GLU A 559 11.21 -1.54 26.48
C GLU A 559 10.04 -1.39 27.45
N PRO A 560 8.97 -2.15 27.24
CA PRO A 560 7.80 -1.95 28.10
C PRO A 560 8.02 -2.57 29.48
N ARG A 561 7.34 -2.03 30.49
CA ARG A 561 7.44 -2.53 31.86
C ARG A 561 6.40 -3.60 32.09
N PHE A 562 5.44 -3.63 31.18
CA PHE A 562 4.31 -4.51 31.34
C PHE A 562 4.49 -5.86 30.72
N SER A 563 5.65 -6.08 30.07
CA SER A 563 5.91 -7.33 29.35
C SER A 563 7.38 -7.68 29.19
N LYS A 564 7.70 -8.97 29.15
CA LYS A 564 9.09 -9.38 28.89
C LYS A 564 9.33 -9.88 27.46
N THR A 565 8.30 -9.90 26.61
CA THR A 565 8.50 -10.43 25.27
C THR A 565 8.14 -9.45 24.17
N GLU A 566 7.96 -8.18 24.53
CA GLU A 566 7.53 -7.19 23.55
C GLU A 566 8.42 -5.99 23.51
N PHE A 567 8.43 -5.33 22.36
CA PHE A 567 9.09 -4.03 22.30
C PHE A 567 8.29 -3.07 21.45
N GLY A 568 8.46 -1.78 21.72
CA GLY A 568 7.64 -0.78 21.07
C GLY A 568 8.47 -0.01 20.05
N VAL A 569 7.89 0.24 18.87
CA VAL A 569 8.50 1.11 17.88
C VAL A 569 7.53 2.23 17.61
N THR A 570 8.04 3.44 17.71
CA THR A 570 7.26 4.59 17.37
C THR A 570 7.33 4.91 15.89
N HIS A 571 6.25 4.59 15.17
CA HIS A 571 6.10 4.87 13.74
C HIS A 571 5.47 6.23 13.54
N TYR A 572 5.57 6.76 12.32
CA TYR A 572 4.82 7.96 11.89
C TYR A 572 3.35 7.86 12.23
N ALA A 573 2.79 6.67 12.03
CA ALA A 573 1.37 6.42 12.19
C ALA A 573 1.05 6.01 13.66
N GLY A 574 2.05 5.91 14.52
CA GLY A 574 1.84 5.64 15.92
C GLY A 574 2.75 4.57 16.54
N GLN A 575 2.72 4.46 17.87
CA GLN A 575 3.50 3.39 18.50
C GLN A 575 2.91 2.00 18.25
N VAL A 576 3.75 1.02 17.94
CA VAL A 576 3.28 -0.35 17.84
C VAL A 576 4.10 -1.21 18.78
N MET A 577 3.42 -2.08 19.51
CA MET A 577 4.10 -3.07 20.34
C MET A 577 4.13 -4.40 19.61
N TYR A 578 5.33 -4.96 19.54
CA TYR A 578 5.62 -6.17 18.83
C TYR A 578 6.00 -7.31 19.79
N GLU A 579 5.36 -8.46 19.58
CA GLU A 579 5.60 -9.65 20.36
C GLU A 579 6.73 -10.38 19.60
N ILE A 580 7.78 -10.79 20.35
CA ILE A 580 8.99 -11.36 19.76
C ILE A 580 8.93 -12.86 19.44
N GLN A 581 7.90 -13.53 19.94
CA GLN A 581 7.74 -14.97 19.77
C GLN A 581 7.91 -15.38 18.32
N ASP A 582 8.81 -16.34 18.09
CA ASP A 582 9.03 -17.00 16.82
C ASP A 582 9.79 -16.15 15.82
N TRP A 583 10.34 -15.01 16.22
CA TRP A 583 11.03 -14.19 15.23
C TRP A 583 12.25 -14.90 14.60
N LEU A 584 13.04 -15.60 15.41
CA LEU A 584 14.21 -16.31 14.89
C LEU A 584 13.82 -17.32 13.85
N GLU A 585 12.78 -18.08 14.15
CA GLU A 585 12.34 -19.10 13.20
C GLU A 585 11.70 -18.54 11.94
N LYS A 586 10.87 -17.51 12.09
CA LYS A 586 10.32 -16.79 10.94
C LYS A 586 11.42 -16.17 10.06
N ASN A 587 12.43 -15.58 10.68
CA ASN A 587 13.52 -14.97 9.95
C ASN A 587 14.38 -16.00 9.21
N LYS A 588 14.63 -17.13 9.87
CA LYS A 588 15.48 -18.16 9.29
C LYS A 588 14.70 -18.85 8.20
N ASP A 589 13.38 -18.91 8.39
CA ASP A 589 12.51 -19.56 7.41
C ASP A 589 12.97 -20.94 6.95
N PRO A 590 13.14 -21.90 7.88
CA PRO A 590 13.68 -23.23 7.57
C PRO A 590 12.73 -24.18 6.87
N LEU A 591 13.30 -25.12 6.14
CA LEU A 591 12.58 -26.24 5.60
C LEU A 591 13.55 -27.42 5.51
N GLN A 592 13.16 -28.59 6.03
CA GLN A 592 14.06 -29.73 6.06
C GLN A 592 14.37 -30.12 4.59
N GLN A 593 15.65 -30.33 4.29
CA GLN A 593 16.04 -30.75 2.94
C GLN A 593 15.34 -32.05 2.52
N ASP A 594 15.06 -32.97 3.45
CA ASP A 594 14.40 -34.21 3.04
C ASP A 594 12.98 -33.99 2.55
N LEU A 595 12.34 -32.92 3.00
CA LEU A 595 11.02 -32.56 2.47
C LEU A 595 11.18 -32.03 1.05
N GLU A 596 12.21 -31.23 0.80
CA GLU A 596 12.46 -30.79 -0.55
C GLU A 596 12.75 -31.98 -1.45
N LEU A 597 13.56 -32.91 -0.97
CA LEU A 597 13.89 -34.07 -1.77
C LEU A 597 12.63 -34.88 -2.07
N CYS A 598 11.74 -34.98 -1.09
CA CYS A 598 10.49 -35.69 -1.28
C CYS A 598 9.71 -35.07 -2.43
N PHE A 599 9.55 -33.75 -2.41
CA PHE A 599 8.72 -33.09 -3.42
C PHE A 599 9.39 -32.87 -4.78
N LYS A 600 10.71 -32.86 -4.81
CA LYS A 600 11.45 -32.85 -6.08
C LYS A 600 11.10 -34.07 -6.94
N ASP A 601 10.72 -35.16 -6.25
CA ASP A 601 10.34 -36.40 -6.91
C ASP A 601 8.87 -36.51 -7.25
N SER A 602 8.17 -35.38 -7.20
CA SER A 602 6.74 -35.36 -7.45
C SER A 602 6.46 -35.71 -8.91
N SER A 603 5.38 -36.43 -9.13
CA SER A 603 4.92 -36.73 -10.47
C SER A 603 4.20 -35.54 -11.13
N ASP A 604 3.95 -34.48 -10.36
CA ASP A 604 3.19 -33.35 -10.88
C ASP A 604 4.12 -32.31 -11.52
N ASN A 605 3.77 -31.84 -12.71
CA ASN A 605 4.60 -30.90 -13.46
C ASN A 605 4.75 -29.54 -12.80
N VAL A 606 3.74 -29.09 -12.06
CA VAL A 606 3.86 -27.81 -11.39
C VAL A 606 4.63 -27.97 -10.07
N VAL A 607 4.34 -29.02 -9.31
CA VAL A 607 5.01 -29.22 -8.05
C VAL A 607 6.54 -29.33 -8.25
N THR A 608 6.97 -30.08 -9.27
CA THR A 608 8.39 -30.27 -9.53
C THR A 608 9.05 -28.96 -9.89
N LYS A 609 8.30 -28.11 -10.59
CA LYS A 609 8.83 -26.82 -10.90
C LYS A 609 9.01 -26.03 -9.60
N LEU A 610 8.06 -26.17 -8.68
CA LEU A 610 8.19 -25.45 -7.41
C LEU A 610 9.41 -25.89 -6.64
N PHE A 611 9.85 -27.13 -6.85
CA PHE A 611 10.99 -27.59 -6.07
C PHE A 611 12.34 -27.69 -6.81
N ASN A 612 12.32 -27.65 -8.14
CA ASN A 612 13.53 -27.77 -8.97
C ASN A 612 13.93 -26.49 -9.71
N ASP A 613 13.00 -25.60 -9.96
CA ASP A 613 13.30 -24.33 -10.62
C ASP A 613 14.00 -23.38 -9.64
N PRO A 614 15.28 -23.10 -9.88
CA PRO A 614 16.14 -22.35 -8.96
C PRO A 614 15.65 -20.94 -8.67
N ASN A 615 14.96 -20.32 -9.63
CA ASN A 615 14.36 -19.01 -9.39
C ASN A 615 13.25 -19.05 -8.36
N ILE A 616 12.65 -20.23 -8.21
CA ILE A 616 11.61 -20.47 -7.23
C ILE A 616 12.08 -21.18 -5.96
N ALA A 617 12.98 -22.13 -6.15
CA ALA A 617 13.28 -23.08 -5.09
C ALA A 617 14.59 -22.76 -4.38
N SER A 618 15.53 -22.11 -5.07
CA SER A 618 16.88 -21.95 -4.55
C SER A 618 16.92 -20.75 -3.63
N ARG A 619 17.83 -20.76 -2.66
CA ARG A 619 17.98 -19.65 -1.76
C ARG A 619 19.40 -19.10 -1.71
N ALA A 620 19.55 -17.77 -1.75
CA ALA A 620 20.89 -17.19 -1.78
C ALA A 620 21.63 -17.47 -0.47
N LYS A 621 22.97 -17.43 -0.53
CA LYS A 621 23.81 -17.52 0.67
C LYS A 621 24.45 -16.17 1.00
N LYS A 622 24.71 -15.93 2.28
CA LYS A 622 25.71 -14.96 2.71
C LYS A 622 26.63 -15.65 3.69
N GLY A 623 27.86 -15.89 3.26
CA GLY A 623 28.76 -16.74 4.01
C GLY A 623 28.25 -18.16 4.18
N ALA A 624 28.30 -18.66 5.41
CA ALA A 624 27.94 -20.04 5.66
C ALA A 624 26.45 -20.13 5.94
N ASN A 625 25.76 -19.05 5.69
CA ASN A 625 24.36 -19.04 6.02
C ASN A 625 23.51 -18.63 4.84
N PHE A 626 22.31 -19.17 4.79
CA PHE A 626 21.31 -18.67 3.86
C PHE A 626 20.89 -17.26 4.23
N ILE A 627 20.53 -16.49 3.23
CA ILE A 627 20.01 -15.15 3.45
C ILE A 627 18.74 -15.19 4.32
N THR A 628 18.66 -14.31 5.31
CA THR A 628 17.47 -14.30 6.16
C THR A 628 16.37 -13.59 5.41
N VAL A 629 15.14 -13.74 5.91
CA VAL A 629 14.02 -12.96 5.36
C VAL A 629 14.19 -11.48 5.49
N ALA A 630 14.67 -11.06 6.66
CA ALA A 630 14.91 -9.65 6.88
C ALA A 630 15.96 -9.02 5.96
N ALA A 631 17.04 -9.74 5.73
CA ALA A 631 18.05 -9.17 4.86
C ALA A 631 17.59 -9.20 3.41
N GLN A 632 16.92 -10.26 2.99
CA GLN A 632 16.42 -10.26 1.64
C GLN A 632 15.31 -9.24 1.30
N TYR A 633 14.27 -9.18 2.14
CA TYR A 633 13.22 -8.19 1.98
C TYR A 633 13.92 -6.81 1.96
N LYS A 634 14.82 -6.56 2.90
CA LYS A 634 15.47 -5.23 2.95
C LYS A 634 16.22 -4.97 1.62
N GLU A 635 16.87 -6.00 1.07
CA GLU A 635 17.57 -5.83 -0.20
C GLU A 635 16.51 -5.41 -1.26
N GLN A 636 15.36 -6.06 -1.21
CA GLN A 636 14.25 -5.88 -2.16
C GLN A 636 13.65 -4.48 -2.10
N LEU A 637 13.40 -4.02 -0.89
CA LEU A 637 12.84 -2.71 -0.60
C LEU A 637 13.81 -1.62 -1.06
N ALA A 638 15.10 -1.81 -0.80
CA ALA A 638 16.07 -0.77 -1.16
C ALA A 638 16.11 -0.71 -2.69
N SER A 639 15.96 -1.86 -3.28
CA SER A 639 15.89 -1.94 -4.73
C SER A 639 14.67 -1.17 -5.30
N LEU A 640 13.51 -1.38 -4.66
CA LEU A 640 12.29 -0.68 -5.08
C LEU A 640 12.56 0.81 -4.97
N MET A 641 13.03 1.29 -3.81
CA MET A 641 13.25 2.73 -3.60
C MET A 641 14.25 3.32 -4.58
N ALA A 642 15.25 2.54 -4.95
CA ALA A 642 16.19 2.98 -5.95
C ALA A 642 15.44 3.19 -7.26
N THR A 643 14.57 2.26 -7.64
CA THR A 643 13.79 2.43 -8.88
C THR A 643 12.86 3.66 -8.82
N LEU A 644 12.21 3.87 -7.68
CA LEU A 644 11.25 4.97 -7.56
C LEU A 644 11.99 6.27 -7.73
N GLU A 645 13.21 6.32 -7.20
CA GLU A 645 14.00 7.55 -7.24
C GLU A 645 14.38 8.00 -8.64
N THR A 646 14.33 7.07 -9.59
CA THR A 646 14.59 7.35 -11.00
C THR A 646 13.29 7.73 -11.76
N THR A 647 12.18 7.83 -11.03
CA THR A 647 10.89 8.15 -11.63
C THR A 647 10.40 9.51 -11.13
N ASN A 648 9.42 10.05 -11.84
CA ASN A 648 8.66 11.18 -11.36
C ASN A 648 7.46 10.65 -10.59
N PRO A 649 7.41 10.92 -9.27
CA PRO A 649 6.34 10.36 -8.45
C PRO A 649 5.05 11.18 -8.40
N HIS A 650 3.93 10.49 -8.32
CA HIS A 650 2.63 11.11 -8.07
C HIS A 650 2.07 10.37 -6.88
N PHE A 651 1.51 11.09 -5.92
CA PHE A 651 1.06 10.52 -4.65
C PHE A 651 -0.42 10.57 -4.53
N VAL A 652 -0.96 9.45 -4.09
CA VAL A 652 -2.36 9.38 -3.73
C VAL A 652 -2.43 8.91 -2.27
N ARG A 653 -3.09 9.71 -1.45
CA ARG A 653 -3.19 9.40 -0.03
C ARG A 653 -4.61 8.89 0.27
N CYS A 654 -4.76 7.59 0.43
CA CYS A 654 -6.04 7.01 0.78
C CYS A 654 -6.29 7.14 2.28
N ILE A 655 -7.53 7.51 2.62
CA ILE A 655 -7.91 7.84 3.99
C ILE A 655 -9.10 6.95 4.31
N ILE A 656 -8.99 6.25 5.43
CA ILE A 656 -10.04 5.36 5.85
C ILE A 656 -10.98 6.22 6.73
N PRO A 657 -12.31 6.13 6.50
CA PRO A 657 -13.22 7.03 7.24
C PRO A 657 -13.46 6.61 8.68
N ASN A 658 -13.35 5.32 8.93
CA ASN A 658 -13.60 4.75 10.26
C ASN A 658 -12.95 3.37 10.37
N ASN A 659 -13.15 2.70 11.49
CA ASN A 659 -12.56 1.38 11.64
C ASN A 659 -13.62 0.31 11.66
N LYS A 660 -14.73 0.57 10.99
CA LYS A 660 -15.82 -0.39 10.96
C LYS A 660 -16.19 -0.83 9.55
N GLN A 661 -15.49 -0.34 8.54
CA GLN A 661 -15.82 -0.71 7.16
C GLN A 661 -17.26 -0.35 6.77
N LEU A 662 -17.72 0.79 7.27
CA LEU A 662 -19.08 1.27 7.05
C LEU A 662 -19.04 2.53 6.19
N PRO A 663 -20.05 2.68 5.32
CA PRO A 663 -20.21 3.90 4.53
C PRO A 663 -20.86 4.99 5.36
N ALA A 664 -20.78 6.25 4.92
CA ALA A 664 -21.52 7.37 5.52
C ALA A 664 -21.19 7.58 6.99
N LYS A 665 -19.94 7.37 7.35
CA LYS A 665 -19.56 7.49 8.75
C LYS A 665 -18.14 7.99 8.91
N LEU A 666 -17.97 9.26 8.61
CA LEU A 666 -16.67 9.87 8.57
C LEU A 666 -16.34 10.27 10.02
N GLU A 667 -15.38 9.56 10.63
CA GLU A 667 -15.00 9.81 12.04
C GLU A 667 -13.81 10.72 12.24
N ASP A 668 -14.03 11.72 13.08
CA ASP A 668 -13.16 12.85 13.25
C ASP A 668 -11.72 12.44 13.60
N LYS A 669 -11.59 11.70 14.70
CA LYS A 669 -10.29 11.35 15.21
C LYS A 669 -9.52 10.40 14.28
N VAL A 670 -10.24 9.46 13.65
CA VAL A 670 -9.64 8.50 12.71
C VAL A 670 -8.98 9.26 11.52
N VAL A 671 -9.77 10.18 10.97
CA VAL A 671 -9.34 10.90 9.80
C VAL A 671 -8.23 11.89 10.15
N LEU A 672 -8.40 12.61 11.26
CA LEU A 672 -7.39 13.62 11.61
C LEU A 672 -6.03 13.00 11.94
N ASP A 673 -6.04 11.84 12.61
CA ASP A 673 -4.83 11.09 12.84
C ASP A 673 -4.17 10.75 11.48
N GLN A 674 -4.97 10.30 10.51
CA GLN A 674 -4.35 10.03 9.22
C GLN A 674 -3.80 11.28 8.51
N LEU A 675 -4.57 12.36 8.47
CA LEU A 675 -4.13 13.62 7.87
C LEU A 675 -2.85 14.14 8.52
N ARG A 676 -2.75 13.99 9.83
CA ARG A 676 -1.59 14.48 10.55
C ARG A 676 -0.36 13.64 10.15
N CYS A 677 -0.41 12.32 10.33
CA CYS A 677 0.82 11.54 10.09
C CYS A 677 1.17 11.40 8.61
N ASN A 678 0.19 11.56 7.74
CA ASN A 678 0.47 11.55 6.30
C ASN A 678 1.22 12.80 5.87
N GLY A 679 1.15 13.86 6.69
CA GLY A 679 1.74 15.14 6.35
C GLY A 679 0.92 15.94 5.35
N VAL A 680 -0.39 15.80 5.36
CA VAL A 680 -1.22 16.47 4.36
C VAL A 680 -1.18 17.99 4.41
N LEU A 681 -1.34 18.54 5.59
CA LEU A 681 -1.41 19.98 5.77
C LEU A 681 -0.06 20.60 5.47
N GLU A 682 1.01 19.95 5.92
CA GLU A 682 2.35 20.39 5.57
C GLU A 682 2.56 20.42 4.07
N GLY A 683 2.09 19.40 3.37
CA GLY A 683 2.15 19.38 1.92
C GLY A 683 1.36 20.47 1.20
N ILE A 684 0.21 20.80 1.78
CA ILE A 684 -0.60 21.84 1.21
C ILE A 684 0.17 23.12 1.46
N ARG A 685 0.75 23.23 2.65
CA ARG A 685 1.47 24.42 3.03
C ARG A 685 2.69 24.68 2.16
N ILE A 686 3.44 23.62 1.84
CA ILE A 686 4.60 23.77 0.97
C ILE A 686 4.15 24.16 -0.42
N THR A 687 3.00 23.67 -0.84
CA THR A 687 2.51 24.09 -2.15
C THR A 687 2.21 25.60 -2.17
N ARG A 688 1.55 26.10 -1.14
CA ARG A 688 1.22 27.53 -1.02
C ARG A 688 2.38 28.50 -0.75
N LYS A 689 3.32 28.14 0.11
CA LYS A 689 4.36 29.07 0.59
C LYS A 689 5.54 29.07 -0.37
N GLY A 690 5.57 28.07 -1.23
CA GLY A 690 6.70 27.78 -2.08
C GLY A 690 6.27 28.07 -3.50
N PHE A 691 6.91 27.39 -4.45
CA PHE A 691 6.90 27.78 -5.85
C PHE A 691 6.80 26.52 -6.68
N PRO A 692 5.58 25.95 -6.74
CA PRO A 692 5.23 24.66 -7.36
C PRO A 692 5.66 24.50 -8.82
N ASN A 693 5.78 25.58 -9.56
CA ASN A 693 5.97 25.47 -11.00
C ASN A 693 7.28 26.12 -11.42
N ARG A 694 8.09 25.45 -12.25
CA ARG A 694 9.36 26.08 -12.60
C ARG A 694 9.94 25.65 -13.94
N ILE A 695 10.61 26.56 -14.64
CA ILE A 695 10.95 26.37 -16.06
C ILE A 695 12.30 27.00 -16.42
N ILE A 696 13.15 26.20 -17.05
CA ILE A 696 14.45 26.69 -17.57
C ILE A 696 14.28 27.91 -18.50
N TYR A 697 15.08 28.95 -18.32
CA TYR A 697 14.97 30.21 -19.05
C TYR A 697 14.91 30.11 -20.59
N ALA A 698 15.04 28.93 -21.14
CA ALA A 698 14.99 28.83 -22.58
C ALA A 698 13.91 27.92 -23.19
N ASP A 699 13.35 27.00 -22.42
CA ASP A 699 12.33 26.08 -22.91
C ASP A 699 10.93 26.71 -22.83
N PHE A 700 10.90 27.98 -22.44
CA PHE A 700 9.67 28.75 -22.28
C PHE A 700 9.11 29.27 -23.61
N VAL A 701 10.01 29.79 -24.45
CA VAL A 701 9.71 30.29 -25.78
C VAL A 701 8.68 29.53 -26.63
N LYS A 702 8.54 28.23 -26.41
CA LYS A 702 7.80 27.41 -27.40
C LYS A 702 6.42 26.86 -26.99
N ARG A 703 5.86 27.36 -25.88
CA ARG A 703 4.48 27.02 -25.51
C ARG A 703 3.56 28.14 -25.96
N TYR A 704 4.09 29.36 -25.88
CA TYR A 704 3.42 30.57 -26.31
C TYR A 704 4.35 31.29 -27.30
N TYR A 705 4.21 32.60 -27.41
CA TYR A 705 5.07 33.41 -28.28
C TYR A 705 5.64 34.62 -27.51
N LEU A 706 4.86 35.69 -27.46
CA LEU A 706 5.18 36.88 -26.66
C LEU A 706 3.97 37.80 -26.48
N LEU A 707 4.22 38.95 -25.87
CA LEU A 707 3.27 40.05 -25.75
C LEU A 707 4.17 41.27 -25.60
N ALA A 708 5.44 41.09 -25.99
CA ALA A 708 6.55 41.95 -25.60
C ALA A 708 7.21 42.69 -26.76
N PRO A 709 8.07 43.69 -26.46
CA PRO A 709 8.89 44.30 -27.51
C PRO A 709 9.91 43.33 -28.09
N ASN A 710 9.39 42.25 -28.67
CA ASN A 710 10.13 41.36 -29.56
C ASN A 710 11.20 40.33 -29.20
N VAL A 711 10.93 39.55 -28.17
CA VAL A 711 11.64 38.30 -27.95
C VAL A 711 10.95 37.05 -28.51
N PRO A 712 11.38 36.61 -29.69
CA PRO A 712 10.74 35.52 -30.44
C PRO A 712 10.98 34.13 -29.85
N ARG A 713 10.87 33.10 -30.70
CA ARG A 713 11.11 31.72 -30.27
C ARG A 713 12.58 31.51 -29.93
N ASP A 714 13.40 32.50 -30.28
CA ASP A 714 14.80 32.51 -29.91
C ASP A 714 15.16 33.87 -29.35
N ALA A 715 16.40 34.01 -28.88
CA ALA A 715 16.94 35.27 -28.40
C ALA A 715 18.41 35.05 -28.04
N GLU A 716 19.12 36.15 -27.78
CA GLU A 716 20.47 36.07 -27.23
C GLU A 716 20.35 35.99 -25.72
N ASP A 717 19.28 36.58 -25.20
CA ASP A 717 19.03 36.65 -23.76
C ASP A 717 18.02 35.60 -23.32
N SER A 718 18.08 35.25 -22.04
CA SER A 718 17.20 34.25 -21.45
C SER A 718 16.52 34.80 -20.20
N GLN A 719 17.29 35.58 -19.43
CA GLN A 719 16.83 36.12 -18.15
C GLN A 719 15.87 37.30 -18.38
N LYS A 720 16.41 38.42 -18.86
CA LYS A 720 15.61 39.61 -19.12
C LYS A 720 14.64 39.36 -20.27
N ALA A 721 14.99 38.40 -21.14
CA ALA A 721 14.13 38.02 -22.25
C ALA A 721 12.84 37.35 -21.75
N THR A 722 12.87 36.89 -20.51
CA THR A 722 11.68 36.30 -19.87
C THR A 722 10.97 37.37 -19.03
N ASP A 723 11.79 38.16 -18.33
CA ASP A 723 11.34 39.28 -17.52
C ASP A 723 10.39 40.14 -18.34
N ALA A 724 10.92 40.62 -19.47
CA ALA A 724 10.17 41.46 -20.38
C ALA A 724 8.84 40.84 -20.77
N VAL A 725 8.88 39.64 -21.33
CA VAL A 725 7.66 39.03 -21.87
C VAL A 725 6.57 38.86 -20.82
N LEU A 726 6.90 38.28 -19.67
CA LEU A 726 5.86 38.10 -18.66
C LEU A 726 5.36 39.44 -18.14
N LYS A 727 6.28 40.39 -18.04
CA LYS A 727 6.00 41.67 -17.38
C LYS A 727 4.73 42.38 -17.84
N HIS A 728 4.44 42.31 -19.14
CA HIS A 728 3.33 43.08 -19.73
C HIS A 728 1.96 42.82 -19.13
N LEU A 729 1.70 41.57 -18.76
CA LEU A 729 0.45 41.23 -18.09
C LEU A 729 0.34 41.96 -16.74
N ASN A 730 1.44 42.56 -16.32
CA ASN A 730 1.56 43.23 -15.02
C ASN A 730 1.07 42.36 -13.88
N ILE A 731 1.31 41.05 -14.01
CA ILE A 731 1.04 40.10 -12.95
C ILE A 731 2.14 40.24 -11.88
N ASP A 732 1.75 40.10 -10.62
CA ASP A 732 2.64 40.39 -9.49
C ASP A 732 3.90 39.53 -9.44
N PRO A 733 5.07 40.18 -9.36
CA PRO A 733 6.38 39.55 -9.09
C PRO A 733 6.48 38.88 -7.71
N GLU A 734 5.40 38.89 -6.94
CA GLU A 734 5.33 38.12 -5.71
C GLU A 734 5.03 36.69 -6.11
N GLN A 735 4.35 36.56 -7.23
CA GLN A 735 3.98 35.28 -7.81
C GLN A 735 5.06 34.65 -8.68
N TYR A 736 6.29 35.12 -8.56
CA TYR A 736 7.41 34.49 -9.27
C TYR A 736 8.80 34.82 -8.73
N ARG A 737 9.79 34.06 -9.19
CA ARG A 737 11.19 34.32 -8.81
C ARG A 737 12.18 33.87 -9.87
N PHE A 738 13.42 34.33 -9.69
CA PHE A 738 14.46 34.11 -10.68
C PHE A 738 15.60 33.28 -10.12
N GLY A 739 15.68 32.08 -10.66
CA GLY A 739 16.71 31.14 -10.28
C GLY A 739 17.89 31.25 -11.22
N ILE A 740 18.95 30.54 -10.87
CA ILE A 740 20.19 30.56 -11.65
C ILE A 740 19.94 30.03 -13.07
N THR A 741 18.91 29.21 -13.21
CA THR A 741 18.56 28.64 -14.50
C THR A 741 17.06 28.61 -14.79
N LYS A 742 16.23 29.07 -13.85
CA LYS A 742 14.80 28.87 -14.02
C LYS A 742 13.97 30.01 -13.44
N ILE A 743 12.81 30.22 -14.07
CA ILE A 743 11.74 31.03 -13.52
C ILE A 743 10.82 30.13 -12.68
N PHE A 744 10.46 30.61 -11.50
CA PHE A 744 9.60 29.89 -10.55
C PHE A 744 8.29 30.64 -10.38
N PHE A 745 7.23 29.89 -10.05
CA PHE A 745 5.90 30.45 -9.85
C PHE A 745 5.07 29.69 -8.82
N ARG A 746 4.26 30.44 -8.08
CA ARG A 746 3.34 29.94 -7.07
C ARG A 746 2.01 29.33 -7.53
N ALA A 747 1.40 29.89 -8.56
CA ALA A 747 0.10 29.37 -8.98
C ALA A 747 -0.18 29.58 -10.48
N GLY A 748 0.80 29.27 -11.31
CA GLY A 748 0.67 29.39 -12.75
C GLY A 748 0.52 30.84 -13.16
#